data_9BKJ
#
_entry.id   9BKJ
#
_cell.length_a   1.00
_cell.length_b   1.00
_cell.length_c   1.00
_cell.angle_alpha   90.00
_cell.angle_beta   90.00
_cell.angle_gamma   90.00
#
_symmetry.space_group_name_H-M   'P 1'
#
loop_
_entity.id
_entity.type
_entity.pdbx_description
1 polymer 'Guanine nucleotide-binding protein G(I)/G(S)/G(T) subunit beta-1'
2 polymer 'Guanine nucleotide-binding protein G(I)/G(S)/G(O) subunit gamma-2'
3 polymer Cholecystokinin-8
4 polymer 'Cholecystokinin receptor type A'
5 polymer 'Guanine nucleotide-binding protein G(i) subunit alpha-1,Guanine nucleotide-binding protein G(s) subunit alpha isoforms short'
6 non-polymer 'AMINO GROUP'
#
loop_
_entity_poly.entity_id
_entity_poly.type
_entity_poly.pdbx_seq_one_letter_code
_entity_poly.pdbx_strand_id
1 'polypeptide(L)'
;QSELDQLRQEAEQLKNQIRDARKACADATLSQITNNIDPVGRIQMRTRRTLRGHLAKIYAMHWGTDSRLLVSASQDGKLI
IWDSYTTNKVHAIPLRSSWVMTCAYAPSGNYVACGGLDNICSIYNLKTREGNVRVSRELAGHTGYLSCCRFLDDNQIVTS
SGDTTCALWDIETGQQTTTFTGHTGDVMSLSLAPDTRLFVSGACDASAKLWDVREGMCRQTFTGHESDINAICFFPNGNA
FATGSDDATCRLFDLRADQELMTYSHDNIICGITSVSFSKSGRLLLAGYDDFNCNVWDALKADRAGVLAGHDNRVSCLGV
TDDGMAVATGSWDSFLKIWN
;
B
2 'polypeptide(L)' NTASIAQARKLVEQLKMEANIDRIKVSKAAADLMAYCEAHAKEDPLLTPVPASENPFR G
3 'polypeptide(L)' D(TYS)MGWMDF P
4 'polypeptide(L)'
;DVVDSLLVNGSNITPPCELGLENETLFCLDQPRPSKEWQPAVQILLYSLIFLLSVLGNTLVITVLIRNKRMRTVTNIFLL
SLAVSDLMLCLFCMPFNLIPNLLKDFIFGSAVCKTTTYFMGTSVSVSTFNLVAISLERAGAICKPLQSRVWQTKSHALKV
IAATWCLSFTIMTPYPIYSNLVPFTKNNNQTANMCRFLLPNDVMQQSWHTFLLLILFLIPGIVMMVAYGLISLELYQGIK
FEASQKKSAKERKPSTTSSGKYEDSDGCYLQKTRPPRKLELRQLSTGSSSRANRIRSNSSAANLMAKKRVIRMLIVIVVL
FFLCWMPIFSANAWRAYDTASAERRLSGTPISFILLLSYTSSCVNPIIYCFMNKRFRLGFMATFPCCPNPGPPGARGEVG
EEEEGGTTGASLSRFSYSHMSASVPPQ
;
R
5 'polypeptide(L)'
;HHHHHHHHGCTLSAEDKAAVERSKMIDRNLREDGEKARRTLRLLLLGADNSGKSTIVKQMRILHGGSGGSGGTSGIFETK
FQVDKVNFHMFDVGGQRDERRKWIQCFNDVTAIIFVVDSSDYNRLQEALNDFKSIWNNRWLRTISVILFLNKQDLLAEKV
LAGKSKIEDYFPEFARYTTPEDATPEPGEDPRVTRAKYFIRKEFVDISTASGDGRHICYPHFTCAVDTENARRIFNDCKD
IILQMNLREYNLV
;
A
#
# COMPACT_ATOMS: atom_id res chain seq x y z
N SER A 2 25.43 -50.63 -1.37
CA SER A 2 26.66 -50.09 -1.96
C SER A 2 26.37 -49.33 -3.25
N GLU A 3 25.27 -49.69 -3.91
CA GLU A 3 24.91 -49.01 -5.15
C GLU A 3 24.59 -47.54 -4.91
N LEU A 4 23.84 -47.25 -3.85
CA LEU A 4 23.50 -45.86 -3.55
C LEU A 4 24.74 -45.05 -3.20
N ASP A 5 25.65 -45.62 -2.41
CA ASP A 5 26.89 -44.92 -2.06
C ASP A 5 27.73 -44.68 -3.31
N GLN A 6 27.82 -45.68 -4.18
CA GLN A 6 28.59 -45.51 -5.42
C GLN A 6 27.98 -44.43 -6.30
N LEU A 7 26.66 -44.38 -6.39
CA LEU A 7 26.01 -43.35 -7.17
C LEU A 7 26.24 -41.96 -6.57
N ARG A 8 26.21 -41.85 -5.24
CA ARG A 8 26.48 -40.57 -4.61
C ARG A 8 27.92 -40.13 -4.86
N GLN A 9 28.87 -41.05 -4.76
CA GLN A 9 30.26 -40.70 -5.04
C GLN A 9 30.46 -40.30 -6.49
N GLU A 10 29.79 -41.00 -7.42
CA GLU A 10 29.86 -40.62 -8.82
C GLU A 10 29.26 -39.24 -9.06
N ALA A 11 28.16 -38.92 -8.38
CA ALA A 11 27.56 -37.59 -8.50
C ALA A 11 28.52 -36.53 -7.98
N GLU A 12 29.17 -36.78 -6.85
CA GLU A 12 30.14 -35.83 -6.32
C GLU A 12 31.31 -35.64 -7.29
N GLN A 13 31.80 -36.74 -7.86
CA GLN A 13 32.90 -36.65 -8.82
C GLN A 13 32.49 -35.87 -10.06
N LEU A 14 31.26 -36.10 -10.55
CA LEU A 14 30.77 -35.38 -11.71
C LEU A 14 30.62 -33.89 -11.41
N LYS A 15 30.13 -33.55 -10.21
CA LYS A 15 30.01 -32.14 -9.85
C LYS A 15 31.38 -31.49 -9.75
N ASN A 16 32.36 -32.20 -9.20
CA ASN A 16 33.72 -31.67 -9.12
C ASN A 16 34.31 -31.48 -10.51
N GLN A 17 34.05 -32.42 -11.43
CA GLN A 17 34.52 -32.27 -12.80
C GLN A 17 33.86 -31.08 -13.49
N ILE A 18 32.56 -30.87 -13.23
CA ILE A 18 31.87 -29.71 -13.77
C ILE A 18 32.50 -28.42 -13.26
N ARG A 19 32.78 -28.38 -11.96
CA ARG A 19 33.39 -27.19 -11.36
C ARG A 19 34.77 -26.93 -11.95
N ASP A 20 35.56 -27.99 -12.15
CA ASP A 20 36.88 -27.83 -12.74
C ASP A 20 36.79 -27.38 -14.19
N ALA A 21 35.84 -27.90 -14.95
CA ALA A 21 35.65 -27.46 -16.33
C ALA A 21 35.28 -25.98 -16.39
N ARG A 22 34.38 -25.55 -15.50
CA ARG A 22 34.02 -24.14 -15.45
C ARG A 22 35.20 -23.27 -15.04
N LYS A 23 36.01 -23.76 -14.08
CA LYS A 23 37.19 -23.00 -13.65
C LYS A 23 38.20 -22.87 -14.78
N ALA A 24 38.41 -23.94 -15.55
CA ALA A 24 39.29 -23.86 -16.71
C ALA A 24 38.72 -22.91 -17.76
N CYS A 25 37.40 -22.91 -17.93
CA CYS A 25 36.77 -21.98 -18.88
C CYS A 25 36.95 -20.53 -18.45
N ALA A 26 36.89 -20.25 -17.15
CA ALA A 26 36.96 -18.88 -16.66
C ALA A 26 38.36 -18.30 -16.77
N ASP A 27 38.74 -17.86 -17.96
CA ASP A 27 40.07 -17.29 -18.15
C ASP A 27 40.08 -15.78 -17.91
N ALA A 28 38.95 -15.12 -18.05
CA ALA A 28 38.88 -13.67 -17.89
C ALA A 28 37.52 -13.29 -17.33
N THR A 29 37.39 -12.03 -16.93
CA THR A 29 36.14 -11.55 -16.36
C THR A 29 35.46 -10.55 -17.29
N LEU A 30 34.12 -10.60 -17.28
CA LEU A 30 33.35 -9.66 -18.10
C LEU A 30 33.66 -8.22 -17.70
N SER A 31 33.90 -7.98 -16.41
CA SER A 31 34.26 -6.64 -15.96
C SER A 31 35.61 -6.19 -16.53
N GLN A 32 36.59 -7.10 -16.62
CA GLN A 32 37.86 -6.74 -17.26
C GLN A 32 37.67 -6.50 -18.75
N ILE A 33 36.83 -7.31 -19.41
CA ILE A 33 36.62 -7.14 -20.84
C ILE A 33 35.94 -5.80 -21.13
N THR A 34 34.94 -5.43 -20.32
CA THR A 34 34.21 -4.19 -20.52
C THR A 34 34.79 -3.02 -19.73
N ASN A 35 36.08 -3.04 -19.41
CA ASN A 35 36.69 -1.92 -18.69
C ASN A 35 36.81 -0.70 -19.58
N ASN A 36 37.17 -0.89 -20.85
CA ASN A 36 37.48 0.23 -21.73
C ASN A 36 36.25 0.94 -22.27
N ILE A 37 35.08 0.31 -22.26
CA ILE A 37 33.89 0.90 -22.84
C ILE A 37 33.42 2.06 -21.97
N ASP A 38 32.91 3.11 -22.62
CA ASP A 38 32.42 4.28 -21.91
C ASP A 38 31.12 3.96 -21.19
N PRO A 39 30.89 4.57 -20.03
CA PRO A 39 29.62 4.38 -19.34
C PRO A 39 28.48 5.10 -20.04
N VAL A 40 27.26 4.63 -19.78
CA VAL A 40 26.07 5.23 -20.39
C VAL A 40 25.70 6.56 -19.77
N GLY A 41 26.20 6.87 -18.57
CA GLY A 41 25.77 8.07 -17.88
C GLY A 41 24.46 7.82 -17.14
N ARG A 42 23.97 8.88 -16.52
CA ARG A 42 22.74 8.79 -15.75
C ARG A 42 21.54 8.65 -16.69
N ILE A 43 20.69 7.65 -16.43
CA ILE A 43 19.52 7.41 -17.26
C ILE A 43 18.35 8.20 -16.70
N GLN A 44 18.08 9.37 -17.27
CA GLN A 44 17.05 10.27 -16.78
C GLN A 44 15.69 9.97 -17.39
N MET A 45 15.07 8.86 -16.96
CA MET A 45 13.74 8.52 -17.45
C MET A 45 12.67 9.19 -16.62
N ARG A 46 11.56 9.56 -17.27
CA ARG A 46 10.47 10.25 -16.61
C ARG A 46 9.16 9.58 -16.98
N THR A 47 8.21 9.63 -16.03
CA THR A 47 6.90 9.04 -16.26
C THR A 47 6.18 9.78 -17.37
N ARG A 48 5.55 9.02 -18.28
CA ARG A 48 4.84 9.59 -19.41
C ARG A 48 3.34 9.29 -19.39
N ARG A 49 2.94 8.16 -18.80
CA ARG A 49 1.54 7.83 -18.65
C ARG A 49 1.32 7.19 -17.29
N THR A 50 0.11 7.35 -16.75
CA THR A 50 -0.30 6.66 -15.54
C THR A 50 -1.63 6.00 -15.81
N LEU A 51 -1.67 4.67 -15.67
CA LEU A 51 -2.83 3.87 -16.02
C LEU A 51 -3.62 3.57 -14.75
N ARG A 52 -4.74 4.25 -14.56
CA ARG A 52 -5.55 4.13 -13.36
C ARG A 52 -6.80 3.34 -13.69
N GLY A 53 -7.33 2.63 -12.70
CA GLY A 53 -8.49 1.79 -12.92
C GLY A 53 -8.43 0.49 -12.14
N HIS A 54 -7.21 0.09 -11.78
CA HIS A 54 -7.02 -1.11 -10.94
C HIS A 54 -7.22 -0.72 -9.47
N LEU A 55 -7.96 -1.53 -8.73
CA LEU A 55 -8.28 -1.21 -7.34
C LEU A 55 -7.68 -2.21 -6.36
N ALA A 56 -6.53 -2.76 -6.71
CA ALA A 56 -5.80 -3.69 -5.84
C ALA A 56 -4.36 -3.72 -6.33
N LYS A 57 -3.56 -4.64 -5.81
CA LYS A 57 -2.13 -4.72 -6.20
C LYS A 57 -1.99 -5.27 -7.61
N ILE A 58 -1.05 -4.75 -8.39
CA ILE A 58 -0.80 -5.31 -9.74
C ILE A 58 0.33 -6.34 -9.60
N TYR A 59 0.15 -7.52 -10.17
CA TYR A 59 1.14 -8.62 -10.03
C TYR A 59 1.83 -8.88 -11.35
N ALA A 60 1.16 -8.59 -12.46
CA ALA A 60 1.74 -8.94 -13.78
C ALA A 60 1.31 -8.02 -14.91
N MET A 61 2.22 -7.74 -15.86
CA MET A 61 1.87 -7.05 -17.08
C MET A 61 2.66 -7.66 -18.22
N HIS A 62 2.10 -7.57 -19.42
CA HIS A 62 2.81 -8.03 -20.61
C HIS A 62 2.45 -7.13 -21.79
N TRP A 63 3.47 -6.75 -22.55
CA TRP A 63 3.27 -5.93 -23.73
C TRP A 63 2.73 -6.77 -24.87
N GLY A 64 1.99 -6.12 -25.78
CA GLY A 64 1.65 -6.75 -27.03
C GLY A 64 2.79 -6.69 -28.03
N THR A 65 2.66 -7.45 -29.11
CA THR A 65 3.68 -7.42 -30.16
C THR A 65 3.78 -6.04 -30.79
N ASP A 66 2.64 -5.38 -31.00
CA ASP A 66 2.63 -3.95 -31.29
C ASP A 66 2.83 -3.22 -29.97
N SER A 67 3.66 -2.17 -29.97
CA SER A 67 4.07 -1.54 -28.72
C SER A 67 3.01 -0.59 -28.19
N ARG A 68 1.76 -0.73 -28.66
CA ARG A 68 0.67 0.10 -28.15
C ARG A 68 -0.09 -0.63 -27.04
N LEU A 69 -0.61 -1.82 -27.35
CA LEU A 69 -1.50 -2.51 -26.43
C LEU A 69 -0.70 -3.30 -25.40
N LEU A 70 -1.28 -3.43 -24.20
CA LEU A 70 -0.68 -4.21 -23.15
C LEU A 70 -1.80 -4.71 -22.23
N VAL A 71 -1.51 -5.79 -21.52
CA VAL A 71 -2.45 -6.38 -20.58
C VAL A 71 -1.81 -6.39 -19.20
N SER A 72 -2.62 -6.12 -18.18
CA SER A 72 -2.17 -6.15 -16.80
C SER A 72 -3.16 -6.95 -15.98
N ALA A 73 -2.65 -7.61 -14.95
CA ALA A 73 -3.49 -8.42 -14.06
C ALA A 73 -3.45 -7.82 -12.66
N SER A 74 -4.58 -7.81 -11.99
CA SER A 74 -4.62 -7.30 -10.60
C SER A 74 -5.53 -8.22 -9.79
N GLN A 75 -5.30 -8.24 -8.48
CA GLN A 75 -6.06 -9.12 -7.59
C GLN A 75 -7.41 -8.54 -7.20
N ASP A 76 -7.91 -7.57 -7.96
CA ASP A 76 -9.30 -7.16 -7.86
C ASP A 76 -10.23 -8.06 -8.67
N GLY A 77 -9.67 -9.04 -9.38
CA GLY A 77 -10.47 -9.91 -10.22
C GLY A 77 -10.64 -9.44 -11.64
N LYS A 78 -9.83 -8.48 -12.10
CA LYS A 78 -10.00 -7.86 -13.40
C LYS A 78 -8.73 -7.98 -14.22
N LEU A 79 -8.89 -8.22 -15.51
CA LEU A 79 -7.79 -8.22 -16.47
C LEU A 79 -8.09 -7.12 -17.49
N ILE A 80 -7.18 -6.15 -17.61
CA ILE A 80 -7.43 -4.93 -18.37
C ILE A 80 -6.43 -4.82 -19.51
N ILE A 81 -6.92 -4.58 -20.72
CA ILE A 81 -6.09 -4.33 -21.87
C ILE A 81 -6.06 -2.82 -22.11
N TRP A 82 -4.86 -2.26 -22.18
CA TRP A 82 -4.67 -0.82 -22.22
C TRP A 82 -4.22 -0.38 -23.60
N ASP A 83 -4.77 0.74 -24.05
CA ASP A 83 -4.22 1.48 -25.18
C ASP A 83 -3.24 2.50 -24.61
N SER A 84 -1.95 2.13 -24.56
CA SER A 84 -0.97 2.95 -23.84
C SER A 84 -0.76 4.31 -24.50
N TYR A 85 -1.13 4.48 -25.77
CA TYR A 85 -0.96 5.77 -26.42
C TYR A 85 -1.98 6.78 -25.90
N THR A 86 -3.23 6.36 -25.75
CA THR A 86 -4.30 7.26 -25.32
C THR A 86 -4.85 6.93 -23.94
N THR A 87 -4.30 5.93 -23.26
CA THR A 87 -4.72 5.46 -21.94
C THR A 87 -6.15 4.93 -21.93
N ASN A 88 -6.74 4.67 -23.10
CA ASN A 88 -8.08 4.10 -23.14
C ASN A 88 -8.06 2.63 -22.75
N LYS A 89 -9.12 2.19 -22.10
CA LYS A 89 -9.29 0.78 -21.74
C LYS A 89 -9.99 0.06 -22.88
N VAL A 90 -9.25 -0.73 -23.64
CA VAL A 90 -9.84 -1.45 -24.77
C VAL A 90 -10.80 -2.52 -24.28
N HIS A 91 -10.36 -3.35 -23.33
CA HIS A 91 -11.17 -4.42 -22.78
C HIS A 91 -10.99 -4.47 -21.26
N ALA A 92 -11.97 -5.06 -20.59
CA ALA A 92 -11.88 -5.37 -19.17
C ALA A 92 -12.41 -6.78 -18.98
N ILE A 93 -11.52 -7.73 -18.71
CA ILE A 93 -11.86 -9.14 -18.62
C ILE A 93 -12.08 -9.48 -17.15
N PRO A 94 -13.29 -9.90 -16.75
CA PRO A 94 -13.50 -10.38 -15.38
C PRO A 94 -12.98 -11.81 -15.22
N LEU A 95 -12.15 -12.02 -14.21
CA LEU A 95 -11.54 -13.32 -13.99
C LEU A 95 -12.37 -14.15 -13.02
N ARG A 96 -12.35 -15.47 -13.25
CA ARG A 96 -13.09 -16.38 -12.37
C ARG A 96 -12.43 -16.53 -11.01
N SER A 97 -11.13 -16.31 -10.92
CA SER A 97 -10.40 -16.36 -9.65
C SER A 97 -9.57 -15.08 -9.52
N SER A 98 -9.67 -14.45 -8.36
CA SER A 98 -9.02 -13.15 -8.15
C SER A 98 -7.56 -13.27 -7.75
N TRP A 99 -7.07 -14.47 -7.47
CA TRP A 99 -5.69 -14.67 -7.02
C TRP A 99 -4.73 -14.98 -8.16
N VAL A 100 -4.61 -14.09 -9.13
CA VAL A 100 -3.76 -14.34 -10.29
C VAL A 100 -2.36 -13.79 -10.03
N MET A 101 -1.38 -14.37 -10.70
CA MET A 101 0.01 -13.99 -10.52
C MET A 101 0.78 -13.78 -11.81
N THR A 102 0.23 -14.11 -12.97
CA THR A 102 0.92 -13.94 -14.23
C THR A 102 -0.09 -13.65 -15.33
N CYS A 103 0.40 -13.04 -16.41
CA CYS A 103 -0.41 -12.77 -17.58
C CYS A 103 0.49 -12.71 -18.80
N ALA A 104 -0.04 -13.17 -19.93
CA ALA A 104 0.71 -13.17 -21.19
C ALA A 104 -0.19 -12.70 -22.32
N TYR A 105 0.43 -12.06 -23.31
CA TYR A 105 -0.26 -11.56 -24.48
C TYR A 105 0.25 -12.32 -25.69
N ALA A 106 -0.65 -12.87 -26.49
CA ALA A 106 -0.26 -13.72 -27.60
C ALA A 106 0.52 -12.91 -28.65
N PRO A 107 1.52 -13.50 -29.30
CA PRO A 107 2.27 -12.75 -30.33
C PRO A 107 1.41 -12.28 -31.48
N SER A 108 0.40 -13.06 -31.87
CA SER A 108 -0.52 -12.62 -32.90
C SER A 108 -1.43 -11.49 -32.43
N GLY A 109 -1.74 -11.45 -31.14
CA GLY A 109 -2.65 -10.46 -30.60
C GLY A 109 -4.07 -10.93 -30.42
N ASN A 110 -4.36 -12.19 -30.75
CA ASN A 110 -5.75 -12.67 -30.70
C ASN A 110 -6.11 -13.29 -29.35
N TYR A 111 -5.13 -13.54 -28.48
CA TYR A 111 -5.38 -14.21 -27.22
C TYR A 111 -4.56 -13.58 -26.10
N VAL A 112 -5.04 -13.76 -24.88
CA VAL A 112 -4.29 -13.45 -23.67
C VAL A 112 -4.43 -14.63 -22.71
N ALA A 113 -3.44 -14.78 -21.82
CA ALA A 113 -3.43 -15.86 -20.85
C ALA A 113 -3.28 -15.28 -19.44
N CYS A 114 -3.84 -16.00 -18.47
CA CYS A 114 -3.79 -15.56 -17.08
C CYS A 114 -3.81 -16.78 -16.17
N GLY A 115 -3.17 -16.64 -15.02
CA GLY A 115 -3.10 -17.74 -14.07
C GLY A 115 -2.57 -17.26 -12.73
N GLY A 116 -2.71 -18.13 -11.74
CA GLY A 116 -2.33 -17.81 -10.37
C GLY A 116 -2.53 -18.96 -9.41
N LEU A 117 -3.11 -18.67 -8.24
CA LEU A 117 -3.30 -19.69 -7.21
C LEU A 117 -4.39 -20.71 -7.57
N ASP A 118 -4.96 -20.66 -8.77
CA ASP A 118 -5.98 -21.62 -9.16
C ASP A 118 -5.41 -22.83 -9.87
N ASN A 119 -4.09 -22.88 -10.09
CA ASN A 119 -3.42 -23.98 -10.78
C ASN A 119 -3.93 -24.19 -12.19
N ILE A 120 -4.41 -23.12 -12.84
CA ILE A 120 -5.00 -23.19 -14.17
C ILE A 120 -4.50 -22.02 -14.99
N CYS A 121 -4.22 -22.27 -16.26
CA CYS A 121 -3.92 -21.22 -17.23
C CYS A 121 -5.12 -21.06 -18.15
N SER A 122 -5.73 -19.88 -18.12
CA SER A 122 -6.94 -19.60 -18.88
C SER A 122 -6.58 -18.76 -20.11
N ILE A 123 -7.12 -19.16 -21.26
CA ILE A 123 -6.88 -18.47 -22.52
C ILE A 123 -8.15 -17.73 -22.90
N TYR A 124 -8.02 -16.47 -23.26
CA TYR A 124 -9.15 -15.61 -23.59
C TYR A 124 -9.06 -15.17 -25.04
N ASN A 125 -10.16 -15.32 -25.78
CA ASN A 125 -10.20 -14.93 -27.18
C ASN A 125 -10.59 -13.46 -27.29
N LEU A 126 -9.73 -12.66 -27.91
CA LEU A 126 -9.96 -11.22 -28.03
C LEU A 126 -10.68 -10.85 -29.32
N LYS A 127 -10.85 -11.77 -30.25
CA LYS A 127 -11.35 -11.48 -31.59
C LYS A 127 -12.53 -12.36 -31.92
N THR A 128 -13.49 -12.44 -31.01
CA THR A 128 -14.69 -13.23 -31.26
C THR A 128 -15.66 -12.48 -32.17
N ARG A 129 -16.65 -13.21 -32.68
CA ARG A 129 -17.63 -12.61 -33.59
C ARG A 129 -18.81 -12.00 -32.87
N GLU A 130 -18.92 -12.22 -31.55
CA GLU A 130 -20.01 -11.65 -30.77
C GLU A 130 -19.65 -10.31 -30.12
N GLY A 131 -18.43 -9.83 -30.31
CA GLY A 131 -18.01 -8.57 -29.76
C GLY A 131 -17.47 -8.62 -28.35
N ASN A 132 -17.65 -9.73 -27.64
CA ASN A 132 -17.18 -9.85 -26.27
C ASN A 132 -15.96 -10.76 -26.21
N VAL A 133 -15.29 -10.74 -25.06
CA VAL A 133 -14.16 -11.62 -24.81
C VAL A 133 -14.64 -12.88 -24.10
N ARG A 134 -14.21 -14.03 -24.59
CA ARG A 134 -14.63 -15.31 -24.05
C ARG A 134 -13.42 -16.19 -23.81
N VAL A 135 -13.60 -17.18 -22.95
CA VAL A 135 -12.53 -18.14 -22.66
C VAL A 135 -12.44 -19.15 -23.81
N SER A 136 -11.21 -19.46 -24.22
CA SER A 136 -11.02 -20.50 -25.22
C SER A 136 -10.85 -21.87 -24.56
N ARG A 137 -9.84 -22.01 -23.70
CA ARG A 137 -9.59 -23.25 -23.01
C ARG A 137 -8.99 -22.96 -21.64
N GLU A 138 -9.19 -23.87 -20.70
CA GLU A 138 -8.61 -23.79 -19.37
C GLU A 138 -7.63 -24.95 -19.22
N LEU A 139 -6.34 -24.63 -19.17
CA LEU A 139 -5.29 -25.63 -19.15
C LEU A 139 -5.06 -26.08 -17.71
N ALA A 140 -5.56 -27.26 -17.37
CA ALA A 140 -5.41 -27.84 -16.05
C ALA A 140 -4.44 -29.00 -16.11
N GLY A 141 -3.77 -29.29 -14.98
CA GLY A 141 -2.81 -30.36 -14.92
C GLY A 141 -1.64 -30.08 -14.02
N HIS A 142 -1.38 -28.80 -13.72
CA HIS A 142 -0.39 -28.48 -12.70
C HIS A 142 -0.96 -28.75 -11.32
N THR A 143 -0.08 -29.08 -10.38
CA THR A 143 -0.47 -29.33 -9.00
C THR A 143 -0.12 -28.18 -8.07
N GLY A 144 0.64 -27.19 -8.54
CA GLY A 144 0.92 -26.00 -7.78
C GLY A 144 0.45 -24.74 -8.50
N TYR A 145 0.62 -23.60 -7.84
CA TYR A 145 0.23 -22.34 -8.44
C TYR A 145 1.10 -22.02 -9.65
N LEU A 146 0.51 -21.29 -10.60
CA LEU A 146 1.26 -20.86 -11.78
C LEU A 146 1.93 -19.52 -11.52
N SER A 147 3.20 -19.42 -11.90
CA SER A 147 3.98 -18.22 -11.65
C SER A 147 4.37 -17.46 -12.91
N CYS A 148 4.39 -18.11 -14.06
CA CYS A 148 4.69 -17.44 -15.32
C CYS A 148 4.14 -18.27 -16.48
N CYS A 149 3.81 -17.58 -17.57
CA CYS A 149 3.35 -18.23 -18.79
C CYS A 149 3.71 -17.35 -19.98
N ARG A 150 4.07 -17.99 -21.10
CA ARG A 150 4.43 -17.28 -22.32
C ARG A 150 3.94 -18.07 -23.52
N PHE A 151 3.29 -17.38 -24.45
CA PHE A 151 2.84 -18.01 -25.68
C PHE A 151 4.02 -18.28 -26.61
N LEU A 152 3.98 -19.42 -27.29
CA LEU A 152 4.85 -19.65 -28.43
C LEU A 152 4.17 -19.28 -29.74
N ASP A 153 2.88 -19.60 -29.85
CA ASP A 153 2.04 -19.23 -30.97
C ASP A 153 0.59 -19.35 -30.51
N ASP A 154 -0.34 -19.32 -31.46
CA ASP A 154 -1.75 -19.41 -31.12
C ASP A 154 -2.13 -20.77 -30.52
N ASN A 155 -1.27 -21.77 -30.63
CA ASN A 155 -1.58 -23.10 -30.13
C ASN A 155 -0.60 -23.63 -29.09
N GLN A 156 0.56 -22.99 -28.91
CA GLN A 156 1.59 -23.46 -28.01
C GLN A 156 1.90 -22.40 -26.96
N ILE A 157 1.85 -22.81 -25.68
CA ILE A 157 2.15 -21.93 -24.56
C ILE A 157 2.94 -22.71 -23.52
N VAL A 158 3.95 -22.06 -22.93
CA VAL A 158 4.79 -22.65 -21.89
C VAL A 158 4.43 -22.04 -20.56
N THR A 159 4.31 -22.88 -19.52
CA THR A 159 3.97 -22.43 -18.19
C THR A 159 4.99 -22.95 -17.19
N SER A 160 5.20 -22.17 -16.13
CA SER A 160 5.98 -22.60 -14.97
C SER A 160 5.07 -22.60 -13.75
N SER A 161 5.30 -23.53 -12.84
CA SER A 161 4.44 -23.69 -11.67
C SER A 161 5.29 -23.84 -10.41
N GLY A 162 4.62 -23.72 -9.27
CA GLY A 162 5.28 -23.92 -7.99
C GLY A 162 5.51 -25.38 -7.64
N ASP A 163 4.97 -26.29 -8.46
CA ASP A 163 5.15 -27.72 -8.26
C ASP A 163 6.49 -28.24 -8.79
N THR A 164 7.47 -27.35 -8.97
CA THR A 164 8.83 -27.63 -9.42
C THR A 164 8.91 -28.11 -10.86
N THR A 165 7.85 -27.94 -11.64
CA THR A 165 7.82 -28.40 -13.02
C THR A 165 7.36 -27.29 -13.96
N CYS A 166 7.88 -27.33 -15.18
CA CYS A 166 7.38 -26.54 -16.30
C CYS A 166 6.69 -27.46 -17.30
N ALA A 167 5.83 -26.87 -18.12
CA ALA A 167 5.05 -27.67 -19.05
C ALA A 167 4.90 -26.95 -20.37
N LEU A 168 4.74 -27.74 -21.43
CA LEU A 168 4.40 -27.24 -22.75
C LEU A 168 3.01 -27.74 -23.11
N TRP A 169 2.16 -26.86 -23.62
CA TRP A 169 0.75 -27.17 -23.83
C TRP A 169 0.40 -27.06 -25.30
N ASP A 170 -0.56 -27.89 -25.71
CA ASP A 170 -1.24 -27.75 -26.99
C ASP A 170 -2.65 -27.25 -26.71
N ILE A 171 -2.92 -26.00 -27.10
CA ILE A 171 -4.14 -25.33 -26.66
C ILE A 171 -5.38 -25.98 -27.26
N GLU A 172 -5.31 -26.41 -28.51
CA GLU A 172 -6.48 -27.02 -29.15
C GLU A 172 -6.87 -28.31 -28.44
N THR A 173 -5.91 -29.17 -28.13
CA THR A 173 -6.21 -30.41 -27.43
C THR A 173 -6.39 -30.18 -25.94
N GLY A 174 -5.67 -29.22 -25.36
CA GLY A 174 -5.77 -28.97 -23.94
C GLY A 174 -4.99 -29.93 -23.07
N GLN A 175 -3.94 -30.53 -23.60
CA GLN A 175 -3.14 -31.51 -22.85
C GLN A 175 -1.68 -31.12 -22.92
N GLN A 176 -0.93 -31.56 -21.91
CA GLN A 176 0.49 -31.25 -21.83
C GLN A 176 1.26 -32.06 -22.87
N THR A 177 1.94 -31.36 -23.78
CA THR A 177 2.79 -32.02 -24.76
C THR A 177 4.09 -32.51 -24.15
N THR A 178 4.70 -31.73 -23.26
CA THR A 178 5.99 -32.07 -22.69
C THR A 178 6.07 -31.51 -21.29
N THR A 179 6.62 -32.30 -20.37
CA THR A 179 6.84 -31.88 -18.99
C THR A 179 8.34 -31.74 -18.73
N PHE A 180 8.71 -30.67 -18.03
CA PHE A 180 10.10 -30.38 -17.72
C PHE A 180 10.31 -30.51 -16.22
N THR A 181 11.27 -31.35 -15.83
CA THR A 181 11.52 -31.65 -14.42
C THR A 181 13.01 -31.55 -14.13
N GLY A 182 13.34 -31.33 -12.86
CA GLY A 182 14.72 -31.21 -12.44
C GLY A 182 14.94 -30.16 -11.37
N HIS A 183 14.09 -29.14 -11.33
CA HIS A 183 14.17 -28.15 -10.25
C HIS A 183 13.72 -28.78 -8.93
N THR A 184 14.38 -28.37 -7.85
CA THR A 184 14.01 -28.84 -6.52
C THR A 184 13.18 -27.82 -5.74
N GLY A 185 13.28 -26.54 -6.07
CA GLY A 185 12.44 -25.52 -5.50
C GLY A 185 11.42 -25.01 -6.50
N ASP A 186 10.42 -24.31 -5.97
CA ASP A 186 9.32 -23.81 -6.79
C ASP A 186 9.84 -22.86 -7.87
N VAL A 187 9.34 -23.04 -9.09
CA VAL A 187 9.75 -22.23 -10.24
C VAL A 187 8.97 -20.93 -10.20
N MET A 188 9.70 -19.81 -10.19
CA MET A 188 9.08 -18.50 -10.02
C MET A 188 8.99 -17.69 -11.30
N SER A 189 9.88 -17.92 -12.26
CA SER A 189 9.95 -17.09 -13.45
C SER A 189 10.17 -17.96 -14.67
N LEU A 190 10.09 -17.33 -15.83
CA LEU A 190 10.16 -18.02 -17.12
C LEU A 190 10.54 -16.99 -18.18
N SER A 191 11.23 -17.47 -19.23
CA SER A 191 11.66 -16.58 -20.31
C SER A 191 11.92 -17.41 -21.55
N LEU A 192 11.15 -17.16 -22.60
CA LEU A 192 11.38 -17.83 -23.88
C LEU A 192 12.52 -17.17 -24.65
N ALA A 193 13.26 -17.98 -25.39
CA ALA A 193 14.31 -17.45 -26.24
C ALA A 193 13.70 -16.69 -27.41
N PRO A 194 14.43 -15.72 -27.98
CA PRO A 194 13.90 -15.00 -29.14
C PRO A 194 13.57 -15.90 -30.32
N ASP A 195 14.32 -16.97 -30.51
CA ASP A 195 14.01 -17.95 -31.54
C ASP A 195 13.01 -19.01 -31.09
N THR A 196 12.59 -18.97 -29.83
CA THR A 196 11.58 -19.85 -29.23
C THR A 196 11.96 -21.33 -29.28
N ARG A 197 13.24 -21.65 -29.46
CA ARG A 197 13.66 -23.04 -29.42
C ARG A 197 14.04 -23.49 -28.01
N LEU A 198 14.42 -22.55 -27.16
CA LEU A 198 14.82 -22.84 -25.79
C LEU A 198 14.13 -21.86 -24.85
N PHE A 199 14.23 -22.15 -23.55
CA PHE A 199 13.79 -21.23 -22.51
C PHE A 199 14.49 -21.54 -21.21
N VAL A 200 14.58 -20.53 -20.34
CA VAL A 200 15.19 -20.68 -19.03
C VAL A 200 14.14 -20.41 -17.97
N SER A 201 14.30 -21.05 -16.81
CA SER A 201 13.42 -20.87 -15.68
C SER A 201 14.24 -20.68 -14.41
N GLY A 202 13.73 -19.86 -13.50
CA GLY A 202 14.34 -19.64 -12.20
C GLY A 202 13.49 -20.25 -11.11
N ALA A 203 14.13 -20.85 -10.12
CA ALA A 203 13.44 -21.57 -9.08
C ALA A 203 13.85 -21.03 -7.71
N CYS A 204 13.07 -21.42 -6.69
CA CYS A 204 13.37 -21.00 -5.33
C CYS A 204 14.62 -21.68 -4.78
N ASP A 205 15.12 -22.69 -5.46
CA ASP A 205 16.34 -23.38 -5.04
C ASP A 205 17.62 -22.70 -5.54
N ALA A 206 17.54 -21.42 -5.89
CA ALA A 206 18.67 -20.60 -6.34
C ALA A 206 19.28 -21.10 -7.64
N SER A 207 18.56 -21.92 -8.39
CA SER A 207 19.10 -22.50 -9.61
C SER A 207 18.33 -22.03 -10.84
N ALA A 208 19.05 -21.94 -11.95
CA ALA A 208 18.47 -21.62 -13.24
C ALA A 208 18.83 -22.72 -14.24
N LYS A 209 17.83 -23.20 -14.98
CA LYS A 209 17.99 -24.31 -15.89
C LYS A 209 17.64 -23.89 -17.31
N LEU A 210 18.42 -24.39 -18.26
CA LEU A 210 18.13 -24.22 -19.68
C LEU A 210 17.45 -25.46 -20.22
N TRP A 211 16.28 -25.28 -20.84
CA TRP A 211 15.49 -26.39 -21.34
C TRP A 211 15.47 -26.39 -22.86
N ASP A 212 15.25 -27.57 -23.43
CA ASP A 212 15.05 -27.73 -24.86
C ASP A 212 13.57 -28.00 -25.11
N VAL A 213 12.93 -27.14 -25.90
CA VAL A 213 11.49 -27.25 -26.10
C VAL A 213 11.12 -28.50 -26.86
N ARG A 214 11.86 -28.81 -27.94
CA ARG A 214 11.54 -29.97 -28.75
C ARG A 214 11.87 -31.27 -28.02
N GLU A 215 13.07 -31.36 -27.44
CA GLU A 215 13.49 -32.60 -26.78
C GLU A 215 12.84 -32.77 -25.42
N GLY A 216 12.64 -31.68 -24.67
CA GLY A 216 12.09 -31.79 -23.34
C GLY A 216 13.09 -32.13 -22.27
N MET A 217 14.37 -31.87 -22.51
CA MET A 217 15.44 -32.21 -21.58
C MET A 217 16.14 -30.94 -21.12
N CYS A 218 16.73 -31.02 -19.92
CA CYS A 218 17.50 -29.90 -19.38
C CYS A 218 18.90 -29.91 -19.97
N ARG A 219 19.32 -28.76 -20.51
CA ARG A 219 20.64 -28.66 -21.10
C ARG A 219 21.69 -28.27 -20.07
N GLN A 220 21.45 -27.21 -19.30
CA GLN A 220 22.45 -26.67 -18.40
C GLN A 220 21.80 -26.28 -17.09
N THR A 221 22.63 -26.06 -16.07
CA THR A 221 22.18 -25.64 -14.75
C THR A 221 23.13 -24.59 -14.20
N PHE A 222 22.56 -23.54 -13.61
CA PHE A 222 23.33 -22.43 -13.05
C PHE A 222 22.88 -22.21 -11.62
N THR A 223 23.85 -22.09 -10.70
CA THR A 223 23.52 -22.03 -9.28
C THR A 223 24.31 -20.96 -8.51
N GLY A 224 24.64 -19.83 -9.13
CA GLY A 224 25.45 -18.84 -8.44
C GLY A 224 24.73 -18.10 -7.33
N HIS A 225 23.41 -17.99 -7.33
CA HIS A 225 22.70 -17.13 -6.33
C HIS A 225 22.65 -17.76 -4.95
N GLU A 226 22.41 -16.96 -3.90
CA GLU A 226 22.37 -17.47 -2.50
C GLU A 226 20.95 -17.80 -2.08
N SER A 227 19.97 -17.10 -2.65
CA SER A 227 18.57 -17.32 -2.24
C SER A 227 17.66 -17.53 -3.45
N ASP A 228 16.35 -17.60 -3.22
CA ASP A 228 15.36 -17.88 -4.24
C ASP A 228 15.44 -16.86 -5.38
N ILE A 229 15.30 -17.36 -6.61
CA ILE A 229 15.30 -16.51 -7.80
C ILE A 229 13.86 -16.14 -8.13
N ASN A 230 13.61 -14.84 -8.34
CA ASN A 230 12.26 -14.36 -8.54
C ASN A 230 11.96 -13.96 -9.99
N ALA A 231 12.98 -13.59 -10.75
CA ALA A 231 12.79 -13.11 -12.10
C ALA A 231 13.88 -13.65 -13.01
N ILE A 232 13.56 -13.81 -14.29
CA ILE A 232 14.49 -14.30 -15.29
C ILE A 232 14.10 -13.72 -16.64
N CYS A 233 15.10 -13.48 -17.49
CA CYS A 233 14.86 -12.83 -18.78
C CYS A 233 16.07 -13.04 -19.69
N PHE A 234 15.82 -13.51 -20.91
CA PHE A 234 16.89 -13.67 -21.89
C PHE A 234 17.47 -12.34 -22.33
N PHE A 235 18.77 -12.35 -22.58
CA PHE A 235 19.42 -11.28 -23.32
C PHE A 235 18.86 -11.27 -24.75
N PRO A 236 18.79 -10.10 -25.39
CA PRO A 236 18.24 -10.04 -26.76
C PRO A 236 18.97 -10.91 -27.75
N ASN A 237 20.26 -11.17 -27.56
CA ASN A 237 21.00 -12.07 -28.44
C ASN A 237 20.56 -13.51 -28.33
N GLY A 238 19.90 -13.90 -27.24
CA GLY A 238 19.49 -15.26 -27.03
C GLY A 238 20.55 -16.18 -26.48
N ASN A 239 21.76 -15.67 -26.23
CA ASN A 239 22.87 -16.46 -25.72
C ASN A 239 23.19 -16.18 -24.27
N ALA A 240 22.36 -15.40 -23.58
CA ALA A 240 22.59 -15.07 -22.18
C ALA A 240 21.25 -14.71 -21.54
N PHE A 241 21.27 -14.64 -20.21
CA PHE A 241 20.07 -14.26 -19.47
C PHE A 241 20.48 -13.70 -18.11
N ALA A 242 19.53 -13.06 -17.46
CA ALA A 242 19.74 -12.43 -16.16
C ALA A 242 18.66 -12.86 -15.18
N THR A 243 19.03 -12.92 -13.91
CA THR A 243 18.13 -13.35 -12.85
C THR A 243 18.11 -12.34 -11.72
N GLY A 244 17.01 -12.34 -10.97
CA GLY A 244 16.89 -11.52 -9.79
C GLY A 244 16.41 -12.33 -8.61
N SER A 245 17.12 -12.12 -7.48
CA SER A 245 16.87 -12.97 -6.28
C SER A 245 16.41 -12.22 -5.04
N ASP A 246 15.99 -12.98 -4.01
CA ASP A 246 15.62 -12.39 -2.70
C ASP A 246 16.90 -11.96 -1.98
N ASP A 247 18.06 -12.47 -2.39
CA ASP A 247 19.36 -12.09 -1.81
C ASP A 247 19.73 -10.67 -2.22
N ALA A 248 18.87 -9.99 -2.99
CA ALA A 248 19.10 -8.57 -3.37
C ALA A 248 20.22 -8.42 -4.38
N THR A 249 20.46 -9.43 -5.21
CA THR A 249 21.47 -9.26 -6.27
C THR A 249 20.94 -9.69 -7.63
N CYS A 250 21.66 -9.35 -8.69
CA CYS A 250 21.34 -9.85 -10.02
C CYS A 250 22.57 -10.52 -10.62
N ARG A 251 22.33 -11.61 -11.32
CA ARG A 251 23.48 -12.24 -12.00
C ARG A 251 23.19 -12.40 -13.48
N LEU A 252 24.24 -12.27 -14.29
CA LEU A 252 24.19 -12.48 -15.73
C LEU A 252 25.00 -13.72 -16.07
N PHE A 253 24.33 -14.71 -16.66
CA PHE A 253 24.96 -15.95 -17.06
C PHE A 253 25.10 -15.98 -18.58
N ASP A 254 26.04 -16.81 -19.06
CA ASP A 254 26.24 -17.02 -20.49
C ASP A 254 26.03 -18.48 -20.81
N LEU A 255 25.23 -18.75 -21.85
CA LEU A 255 24.82 -20.11 -22.13
C LEU A 255 25.98 -20.93 -22.71
N ARG A 256 26.76 -20.34 -23.61
CA ARG A 256 27.89 -21.05 -24.18
C ARG A 256 29.10 -21.08 -23.25
N ALA A 257 29.11 -20.23 -22.21
CA ALA A 257 30.14 -20.29 -21.19
C ALA A 257 29.72 -21.12 -19.98
N ASP A 258 28.42 -21.28 -19.78
CA ASP A 258 27.85 -22.19 -18.77
C ASP A 258 28.15 -21.73 -17.34
N GLN A 259 28.35 -20.44 -17.11
CA GLN A 259 28.66 -19.97 -15.77
C GLN A 259 28.30 -18.49 -15.65
N GLU A 260 28.34 -18.01 -14.41
CA GLU A 260 28.08 -16.60 -14.12
C GLU A 260 29.10 -15.69 -14.81
N LEU A 261 28.64 -14.53 -15.26
CA LEU A 261 29.53 -13.54 -15.85
C LEU A 261 29.69 -12.30 -14.96
N MET A 262 28.60 -11.82 -14.37
CA MET A 262 28.63 -10.54 -13.67
C MET A 262 27.52 -10.53 -12.63
N THR A 263 27.76 -9.78 -11.55
CA THR A 263 26.78 -9.59 -10.49
C THR A 263 26.50 -8.10 -10.33
N TYR A 264 25.24 -7.78 -10.07
CA TYR A 264 24.78 -6.39 -9.95
C TYR A 264 24.26 -6.18 -8.53
N SER A 265 25.06 -5.51 -7.70
CA SER A 265 24.72 -5.34 -6.30
C SER A 265 25.33 -4.04 -5.79
N HIS A 266 24.73 -3.54 -4.70
CA HIS A 266 25.27 -2.40 -3.98
C HIS A 266 25.01 -2.58 -2.50
N ASP A 267 25.87 -1.99 -1.67
CA ASP A 267 25.75 -2.13 -0.23
C ASP A 267 24.45 -1.53 0.32
N ASN A 268 23.94 -0.48 -0.32
CA ASN A 268 22.71 0.15 0.17
C ASN A 268 21.49 -0.71 -0.08
N ILE A 269 21.47 -1.48 -1.17
CA ILE A 269 20.32 -2.30 -1.50
C ILE A 269 20.34 -3.55 -0.63
N ILE A 270 19.24 -3.81 0.06
CA ILE A 270 19.15 -4.95 0.98
C ILE A 270 17.88 -5.74 0.69
N CYS A 271 17.05 -5.21 -0.20
CA CYS A 271 15.79 -5.85 -0.54
C CYS A 271 15.95 -6.72 -1.79
N GLY A 272 14.98 -7.62 -1.99
CA GLY A 272 15.05 -8.53 -3.10
C GLY A 272 14.57 -7.93 -4.40
N ILE A 273 15.02 -8.51 -5.51
CA ILE A 273 14.58 -8.10 -6.84
C ILE A 273 13.30 -8.83 -7.19
N THR A 274 12.31 -8.10 -7.70
CA THR A 274 11.02 -8.68 -8.03
C THR A 274 10.87 -8.97 -9.52
N SER A 275 11.50 -8.17 -10.38
CA SER A 275 11.36 -8.33 -11.81
C SER A 275 12.59 -7.78 -12.50
N VAL A 276 12.94 -8.37 -13.65
CA VAL A 276 14.04 -7.89 -14.46
C VAL A 276 13.61 -7.88 -15.92
N SER A 277 14.26 -7.03 -16.71
CA SER A 277 14.03 -6.97 -18.15
C SER A 277 15.21 -6.29 -18.79
N PHE A 278 15.37 -6.54 -20.08
CA PHE A 278 16.44 -5.95 -20.88
C PHE A 278 15.87 -4.92 -21.83
N SER A 279 16.74 -4.00 -22.27
CA SER A 279 16.35 -3.02 -23.27
C SER A 279 16.55 -3.59 -24.68
N LYS A 280 16.30 -2.74 -25.67
CA LYS A 280 16.47 -3.17 -27.06
C LYS A 280 17.91 -3.60 -27.34
N SER A 281 18.88 -2.74 -27.00
CA SER A 281 20.27 -3.07 -27.24
C SER A 281 20.77 -4.17 -26.31
N GLY A 282 20.16 -4.33 -25.14
CA GLY A 282 20.61 -5.27 -24.15
C GLY A 282 21.61 -4.73 -23.15
N ARG A 283 22.11 -3.51 -23.35
CA ARG A 283 23.10 -2.96 -22.42
C ARG A 283 22.49 -2.48 -21.12
N LEU A 284 21.22 -2.07 -21.12
CA LEU A 284 20.55 -1.64 -19.90
C LEU A 284 19.74 -2.81 -19.35
N LEU A 285 19.93 -3.09 -18.06
CA LEU A 285 19.16 -4.10 -17.35
C LEU A 285 18.32 -3.38 -16.30
N LEU A 286 17.00 -3.55 -16.39
CA LEU A 286 16.06 -2.85 -15.52
C LEU A 286 15.50 -3.84 -14.52
N ALA A 287 15.57 -3.50 -13.23
CA ALA A 287 15.15 -4.38 -12.16
C ALA A 287 14.24 -3.65 -11.18
N GLY A 288 13.18 -4.33 -10.77
CA GLY A 288 12.28 -3.82 -9.74
C GLY A 288 12.62 -4.43 -8.39
N TYR A 289 12.49 -3.62 -7.35
CA TYR A 289 12.93 -4.02 -6.01
C TYR A 289 11.78 -3.85 -5.03
N ASP A 290 12.00 -4.34 -3.81
CA ASP A 290 11.02 -4.18 -2.74
C ASP A 290 11.08 -2.80 -2.09
N ASP A 291 12.13 -2.03 -2.36
CA ASP A 291 12.30 -0.69 -1.78
C ASP A 291 11.47 0.36 -2.49
N PHE A 292 10.48 -0.07 -3.26
CA PHE A 292 9.52 0.74 -4.01
C PHE A 292 10.13 1.39 -5.23
N ASN A 293 11.40 1.15 -5.53
CA ASN A 293 12.06 1.80 -6.64
C ASN A 293 12.38 0.79 -7.74
N CYS A 294 12.79 1.31 -8.89
CA CYS A 294 13.31 0.52 -10.00
C CYS A 294 14.65 1.07 -10.40
N ASN A 295 15.67 0.21 -10.44
CA ASN A 295 17.03 0.64 -10.69
C ASN A 295 17.47 0.17 -12.07
N VAL A 296 18.21 1.02 -12.77
CA VAL A 296 18.69 0.75 -14.12
C VAL A 296 20.17 0.40 -14.01
N TRP A 297 20.51 -0.81 -14.45
CA TRP A 297 21.85 -1.34 -14.34
C TRP A 297 22.53 -1.33 -15.70
N ASP A 298 23.76 -0.87 -15.74
CA ASP A 298 24.60 -1.02 -16.93
C ASP A 298 25.04 -2.48 -17.01
N ALA A 299 24.33 -3.28 -17.81
CA ALA A 299 24.54 -4.73 -17.79
C ALA A 299 25.94 -5.14 -18.19
N LEU A 300 26.69 -4.27 -18.85
CA LEU A 300 28.07 -4.55 -19.22
C LEU A 300 29.09 -4.09 -18.20
N LYS A 301 28.75 -3.08 -17.39
CA LYS A 301 29.67 -2.52 -16.41
C LYS A 301 29.18 -2.69 -14.97
N ALA A 302 27.95 -3.13 -14.76
CA ALA A 302 27.33 -3.36 -13.46
C ALA A 302 27.13 -2.06 -12.67
N ASP A 303 27.44 -0.91 -13.26
CA ASP A 303 27.21 0.36 -12.58
C ASP A 303 25.74 0.74 -12.67
N ARG A 304 25.21 1.25 -11.55
CA ARG A 304 23.82 1.68 -11.48
C ARG A 304 23.70 2.99 -12.23
N ALA A 305 22.80 3.04 -13.22
CA ALA A 305 22.71 4.20 -14.10
C ALA A 305 21.48 5.06 -13.89
N GLY A 306 20.47 4.57 -13.18
CA GLY A 306 19.29 5.39 -12.97
C GLY A 306 18.31 4.73 -12.03
N VAL A 307 17.32 5.52 -11.62
CA VAL A 307 16.26 5.07 -10.73
C VAL A 307 14.92 5.50 -11.31
N LEU A 308 13.97 4.57 -11.35
CA LEU A 308 12.59 4.90 -11.71
C LEU A 308 11.76 5.01 -10.42
N ALA A 309 11.94 6.13 -9.73
CA ALA A 309 11.17 6.41 -8.53
C ALA A 309 9.84 7.03 -8.90
N GLY A 310 8.81 6.76 -8.10
CA GLY A 310 7.49 7.25 -8.41
C GLY A 310 6.38 6.29 -8.01
N HIS A 311 6.74 5.08 -7.61
CA HIS A 311 5.77 4.12 -7.10
C HIS A 311 5.79 4.14 -5.57
N ASP A 312 4.60 4.11 -4.98
CA ASP A 312 4.43 4.22 -3.53
C ASP A 312 4.39 2.88 -2.83
N ASN A 313 4.55 1.77 -3.54
CA ASN A 313 4.56 0.45 -2.93
C ASN A 313 5.49 -0.44 -3.74
N ARG A 314 5.44 -1.75 -3.46
CA ARG A 314 6.31 -2.71 -4.11
C ARG A 314 6.11 -2.73 -5.62
N VAL A 315 7.21 -2.68 -6.37
CA VAL A 315 7.16 -2.89 -7.81
C VAL A 315 7.12 -4.38 -8.06
N SER A 316 5.95 -4.85 -8.51
CA SER A 316 5.68 -6.28 -8.75
C SER A 316 6.06 -6.72 -10.15
N CYS A 317 5.92 -5.85 -11.15
CA CYS A 317 6.12 -6.27 -12.55
C CYS A 317 6.91 -5.23 -13.32
N LEU A 318 7.37 -5.61 -14.49
CA LEU A 318 8.12 -4.70 -15.33
C LEU A 318 8.17 -5.26 -16.73
N GLY A 319 8.23 -4.38 -17.73
CA GLY A 319 8.25 -4.82 -19.11
C GLY A 319 8.67 -3.76 -20.10
N VAL A 320 9.50 -4.14 -21.07
CA VAL A 320 9.96 -3.22 -22.11
C VAL A 320 9.27 -3.58 -23.42
N THR A 321 8.99 -2.56 -24.23
CA THR A 321 8.33 -2.78 -25.51
C THR A 321 9.24 -3.48 -26.49
N ASP A 322 8.65 -4.12 -27.50
CA ASP A 322 9.43 -4.75 -28.55
C ASP A 322 10.21 -3.73 -29.36
N ASP A 323 9.65 -2.53 -29.54
CA ASP A 323 10.39 -1.46 -30.20
C ASP A 323 11.47 -0.86 -29.30
N GLY A 324 11.33 -0.99 -27.99
CA GLY A 324 12.27 -0.39 -27.06
C GLY A 324 11.99 1.05 -26.70
N MET A 325 10.81 1.57 -27.06
CA MET A 325 10.48 2.97 -26.80
C MET A 325 10.12 3.24 -25.35
N ALA A 326 9.41 2.32 -24.70
CA ALA A 326 8.82 2.61 -23.40
C ALA A 326 8.96 1.42 -22.47
N VAL A 327 8.90 1.71 -21.17
CA VAL A 327 8.94 0.71 -20.11
C VAL A 327 7.69 0.87 -19.25
N ALA A 328 7.03 -0.23 -18.94
CA ALA A 328 5.86 -0.21 -18.09
C ALA A 328 6.15 -0.92 -16.78
N THR A 329 5.83 -0.27 -15.67
CA THR A 329 6.06 -0.81 -14.33
C THR A 329 4.75 -0.86 -13.58
N GLY A 330 4.43 -2.02 -13.02
CA GLY A 330 3.25 -2.14 -12.17
C GLY A 330 3.64 -2.18 -10.70
N SER A 331 2.68 -2.00 -9.80
CA SER A 331 3.02 -1.92 -8.36
C SER A 331 1.84 -2.33 -7.50
N TRP A 332 2.07 -2.46 -6.19
CA TRP A 332 0.97 -2.77 -5.25
C TRP A 332 0.22 -1.47 -4.96
N ASP A 333 0.78 -0.34 -5.40
CA ASP A 333 0.08 0.96 -5.32
C ASP A 333 -1.15 0.90 -6.24
N SER A 334 -1.23 -0.03 -7.18
CA SER A 334 -2.41 -0.26 -8.07
C SER A 334 -2.32 0.58 -9.34
N PHE A 335 -1.14 1.04 -9.69
CA PHE A 335 -1.01 1.95 -10.84
C PHE A 335 0.09 1.44 -11.75
N LEU A 336 -0.11 1.56 -13.06
CA LEU A 336 0.97 1.21 -13.98
C LEU A 336 1.49 2.53 -14.52
N LYS A 337 2.75 2.59 -14.82
CA LYS A 337 3.40 3.81 -15.29
C LYS A 337 4.25 3.49 -16.51
N ILE A 338 4.16 4.36 -17.52
CA ILE A 338 4.97 4.26 -18.72
C ILE A 338 6.11 5.27 -18.58
N TRP A 339 7.33 4.83 -18.88
CA TRP A 339 8.52 5.63 -18.66
C TRP A 339 9.25 5.83 -19.98
N ASN A 340 9.73 7.06 -20.18
CA ASN A 340 10.44 7.45 -21.41
C ASN A 340 9.62 7.23 -22.68
N THR B 2 13.97 -49.10 -3.53
CA THR B 2 15.03 -48.99 -4.54
C THR B 2 14.80 -47.77 -5.42
N ALA B 3 13.75 -47.01 -5.12
CA ALA B 3 13.46 -45.80 -5.88
C ALA B 3 14.54 -44.75 -5.70
N SER B 4 15.14 -44.67 -4.51
CA SER B 4 16.22 -43.73 -4.29
C SER B 4 17.42 -44.05 -5.17
N ILE B 5 17.67 -45.34 -5.41
CA ILE B 5 18.73 -45.73 -6.33
C ILE B 5 18.45 -45.22 -7.74
N ALA B 6 17.20 -45.36 -8.19
CA ALA B 6 16.83 -44.87 -9.51
C ALA B 6 16.97 -43.35 -9.58
N GLN B 7 16.58 -42.64 -8.53
CA GLN B 7 16.75 -41.19 -8.51
C GLN B 7 18.23 -40.81 -8.58
N ALA B 8 19.07 -41.49 -7.81
CA ALA B 8 20.50 -41.20 -7.84
C ALA B 8 21.08 -41.46 -9.22
N ARG B 9 20.62 -42.53 -9.88
CA ARG B 9 21.04 -42.79 -11.25
C ARG B 9 20.57 -41.68 -12.19
N LYS B 10 19.37 -41.14 -11.94
CA LYS B 10 18.88 -40.04 -12.77
C LYS B 10 19.77 -38.80 -12.64
N LEU B 11 20.14 -38.44 -11.41
CA LEU B 11 21.07 -37.33 -11.23
C LEU B 11 22.44 -37.64 -11.83
N VAL B 12 22.89 -38.90 -11.75
CA VAL B 12 24.16 -39.27 -12.36
C VAL B 12 24.11 -39.02 -13.87
N GLU B 13 23.01 -39.44 -14.50
CA GLU B 13 22.85 -39.23 -15.94
C GLU B 13 22.76 -37.74 -16.27
N GLN B 14 22.06 -36.98 -15.44
CA GLN B 14 21.94 -35.54 -15.67
C GLN B 14 23.30 -34.86 -15.62
N LEU B 15 24.11 -35.19 -14.61
CA LEU B 15 25.45 -34.60 -14.53
C LEU B 15 26.36 -35.09 -15.65
N LYS B 16 26.20 -36.34 -16.09
CA LYS B 16 26.96 -36.81 -17.24
C LYS B 16 26.62 -36.02 -18.49
N MET B 17 25.34 -35.79 -18.73
CA MET B 17 24.91 -35.00 -19.88
C MET B 17 25.41 -33.57 -19.77
N GLU B 18 25.40 -33.01 -18.57
CA GLU B 18 25.88 -31.65 -18.37
C GLU B 18 27.39 -31.55 -18.58
N ALA B 19 28.13 -32.60 -18.22
CA ALA B 19 29.58 -32.59 -18.45
C ALA B 19 29.91 -32.81 -19.91
N ASN B 20 29.06 -33.53 -20.65
CA ASN B 20 29.31 -33.79 -22.05
C ASN B 20 29.16 -32.56 -22.93
N ILE B 21 28.64 -31.45 -22.41
CA ILE B 21 28.39 -30.26 -23.24
C ILE B 21 29.71 -29.57 -23.57
N ASP B 22 29.72 -28.88 -24.70
CA ASP B 22 30.89 -28.10 -25.09
C ASP B 22 30.78 -26.68 -24.54
N ARG B 23 31.93 -26.08 -24.24
CA ARG B 23 32.00 -24.75 -23.67
C ARG B 23 33.03 -23.91 -24.41
N ILE B 24 32.77 -22.61 -24.51
CA ILE B 24 33.71 -21.66 -25.10
C ILE B 24 34.23 -20.75 -23.99
N LYS B 25 35.34 -20.09 -24.27
CA LYS B 25 35.97 -19.23 -23.27
C LYS B 25 35.06 -18.07 -22.89
N VAL B 26 35.02 -17.77 -21.59
CA VAL B 26 34.20 -16.67 -21.11
C VAL B 26 34.65 -15.34 -21.69
N SER B 27 35.94 -15.20 -22.01
CA SER B 27 36.40 -13.99 -22.67
C SER B 27 35.74 -13.83 -24.03
N LYS B 28 35.70 -14.91 -24.82
CA LYS B 28 35.06 -14.85 -26.12
C LYS B 28 33.56 -14.60 -25.99
N ALA B 29 32.91 -15.26 -25.02
CA ALA B 29 31.48 -15.04 -24.83
C ALA B 29 31.17 -13.60 -24.44
N ALA B 30 31.95 -13.04 -23.51
CA ALA B 30 31.75 -11.66 -23.10
C ALA B 30 32.03 -10.70 -24.25
N ALA B 31 33.05 -11.00 -25.06
CA ALA B 31 33.30 -10.19 -26.24
C ALA B 31 32.13 -10.26 -27.22
N ASP B 32 31.49 -11.43 -27.33
CA ASP B 32 30.34 -11.55 -28.22
C ASP B 32 29.17 -10.70 -27.75
N LEU B 33 28.84 -10.77 -26.45
CA LEU B 33 27.76 -9.92 -25.94
C LEU B 33 28.11 -8.43 -26.05
N MET B 34 29.35 -8.06 -25.77
CA MET B 34 29.75 -6.66 -25.93
C MET B 34 29.58 -6.22 -27.38
N ALA B 35 30.07 -7.02 -28.32
CA ALA B 35 29.98 -6.67 -29.73
C ALA B 35 28.53 -6.55 -30.18
N TYR B 36 27.66 -7.43 -29.68
CA TYR B 36 26.23 -7.27 -29.95
C TYR B 36 25.73 -5.93 -29.41
N CYS B 37 26.19 -5.55 -28.22
CA CYS B 37 25.69 -4.32 -27.61
C CYS B 37 26.07 -3.09 -28.43
N GLU B 38 27.33 -2.98 -28.86
CA GLU B 38 27.65 -1.82 -29.71
C GLU B 38 27.09 -1.96 -31.11
N ALA B 39 26.85 -3.20 -31.58
CA ALA B 39 26.23 -3.37 -32.88
C ALA B 39 24.80 -2.85 -32.92
N HIS B 40 24.03 -3.11 -31.86
CA HIS B 40 22.64 -2.67 -31.82
C HIS B 40 22.40 -1.51 -30.86
N ALA B 41 23.46 -0.74 -30.55
CA ALA B 41 23.31 0.38 -29.63
C ALA B 41 22.47 1.50 -30.22
N LYS B 42 22.71 1.83 -31.49
CA LYS B 42 22.07 2.99 -32.10
C LYS B 42 20.57 2.87 -32.20
N GLU B 43 20.02 1.65 -32.14
CA GLU B 43 18.59 1.44 -32.27
C GLU B 43 17.86 1.41 -30.93
N ASP B 44 18.56 1.66 -29.81
CA ASP B 44 17.94 1.59 -28.50
C ASP B 44 17.53 2.98 -28.05
N PRO B 45 16.23 3.27 -27.92
CA PRO B 45 15.83 4.63 -27.50
C PRO B 45 16.05 4.89 -26.02
N LEU B 46 16.16 3.85 -25.20
CA LEU B 46 16.24 4.05 -23.75
C LEU B 46 17.60 4.60 -23.33
N LEU B 47 18.68 4.15 -23.97
CA LEU B 47 19.99 4.67 -23.62
C LEU B 47 20.30 6.02 -24.28
N THR B 48 19.51 6.41 -25.28
CA THR B 48 19.65 7.71 -25.92
C THR B 48 18.27 8.23 -26.30
N PRO B 49 17.72 9.18 -25.54
CA PRO B 49 16.35 9.61 -25.79
C PRO B 49 16.17 10.20 -27.19
N VAL B 50 15.04 9.89 -27.80
CA VAL B 50 14.69 10.40 -29.12
C VAL B 50 13.98 11.74 -28.95
N PRO B 51 13.97 12.61 -29.97
CA PRO B 51 13.24 13.87 -29.85
C PRO B 51 11.74 13.64 -29.77
N ALA B 52 11.04 14.65 -29.24
CA ALA B 52 9.60 14.54 -29.02
C ALA B 52 8.83 14.35 -30.32
N SER B 53 9.43 14.68 -31.47
CA SER B 53 8.76 14.44 -32.74
C SER B 53 8.60 12.96 -33.02
N GLU B 54 9.55 12.13 -32.59
CA GLU B 54 9.50 10.70 -32.79
C GLU B 54 8.87 9.96 -31.62
N ASN B 55 8.95 10.51 -30.41
CA ASN B 55 8.45 9.86 -29.20
C ASN B 55 6.93 9.74 -29.25
N PRO B 56 6.39 8.52 -29.21
CA PRO B 56 4.93 8.37 -29.23
C PRO B 56 4.26 8.72 -27.92
N PHE B 57 5.00 8.85 -26.82
CA PHE B 57 4.44 9.14 -25.53
C PHE B 57 4.68 10.58 -25.08
N ARG B 58 4.95 11.48 -26.03
CA ARG B 58 5.17 12.90 -25.75
C ARG B 58 6.29 13.12 -24.75
N ASP C 1 -14.55 58.61 20.67
CA ASP C 1 -14.33 57.44 21.55
C ASP C 1 -14.32 56.15 20.71
N MET C 3 -16.31 53.95 19.78
CA MET C 3 -16.73 52.87 20.68
C MET C 3 -17.14 51.65 19.85
N GLY C 4 -17.28 50.48 20.50
CA GLY C 4 -17.65 49.22 19.81
C GLY C 4 -16.49 48.52 19.10
N TRP C 5 -16.77 47.42 18.41
CA TRP C 5 -15.77 46.66 17.63
C TRP C 5 -16.38 46.10 16.37
N MET C 6 -15.63 45.32 15.61
CA MET C 6 -16.22 44.56 14.47
C MET C 6 -16.62 43.19 15.05
N ASP C 7 -17.70 42.57 14.60
CA ASP C 7 -18.33 41.35 15.19
C ASP C 7 -17.34 40.20 15.48
N PHE C 8 -16.39 39.96 14.58
CA PHE C 8 -15.39 38.89 14.79
C PHE C 8 -14.01 39.53 14.68
N GLU D 37 1.53 53.03 28.77
CA GLU D 37 1.28 52.32 27.51
C GLU D 37 1.71 50.87 27.63
N TRP D 38 1.77 50.36 28.86
CA TRP D 38 2.15 48.97 29.07
C TRP D 38 1.10 48.03 28.50
N GLN D 39 -0.19 48.36 28.67
CA GLN D 39 -1.25 47.52 28.12
C GLN D 39 -1.17 47.44 26.59
N PRO D 40 -1.02 48.54 25.84
CA PRO D 40 -0.76 48.39 24.40
C PRO D 40 0.48 47.59 24.10
N ALA D 41 1.55 47.75 24.88
CA ALA D 41 2.76 46.97 24.62
C ALA D 41 2.47 45.49 24.69
N VAL D 42 1.78 45.05 25.74
CA VAL D 42 1.39 43.65 25.86
C VAL D 42 0.47 43.25 24.71
N GLN D 43 -0.44 44.14 24.32
CA GLN D 43 -1.42 43.82 23.29
C GLN D 43 -0.73 43.50 21.97
N ILE D 44 0.11 44.41 21.48
CA ILE D 44 0.81 44.17 20.21
C ILE D 44 1.82 43.03 20.36
N LEU D 45 2.47 42.90 21.51
CA LEU D 45 3.41 41.79 21.70
C LEU D 45 2.71 40.45 21.54
N LEU D 46 1.56 40.28 22.20
CA LEU D 46 0.82 39.03 22.08
C LEU D 46 0.27 38.83 20.68
N TYR D 47 -0.24 39.90 20.06
CA TYR D 47 -0.71 39.77 18.69
C TYR D 47 0.38 39.25 17.77
N SER D 48 1.58 39.82 17.89
CA SER D 48 2.70 39.35 17.08
C SER D 48 3.04 37.90 17.40
N LEU D 49 3.04 37.53 18.68
CA LEU D 49 3.40 36.17 19.07
C LEU D 49 2.45 35.15 18.46
N ILE D 50 1.16 35.27 18.74
CA ILE D 50 0.19 34.31 18.19
C ILE D 50 0.14 34.40 16.66
N PHE D 51 0.28 35.59 16.09
CA PHE D 51 0.27 35.71 14.63
C PHE D 51 1.39 34.90 14.00
N LEU D 52 2.62 35.11 14.46
CA LEU D 52 3.76 34.41 13.87
C LEU D 52 3.64 32.91 14.11
N LEU D 53 3.26 32.50 15.31
CA LEU D 53 3.23 31.07 15.61
C LEU D 53 2.15 30.37 14.79
N SER D 54 0.95 30.97 14.71
CA SER D 54 -0.13 30.37 13.93
C SER D 54 0.23 30.31 12.45
N VAL D 55 0.83 31.38 11.91
CA VAL D 55 1.18 31.38 10.49
C VAL D 55 2.20 30.28 10.21
N LEU D 56 3.25 30.19 11.02
CA LEU D 56 4.28 29.18 10.78
C LEU D 56 3.70 27.77 10.91
N GLY D 57 2.88 27.54 11.93
CA GLY D 57 2.33 26.21 12.12
C GLY D 57 1.41 25.80 10.99
N ASN D 58 0.53 26.70 10.57
CA ASN D 58 -0.39 26.38 9.49
C ASN D 58 0.36 26.15 8.18
N THR D 59 1.40 26.96 7.91
CA THR D 59 2.19 26.73 6.71
C THR D 59 2.88 25.37 6.74
N LEU D 60 3.48 25.00 7.88
CA LEU D 60 4.16 23.70 7.96
C LEU D 60 3.16 22.56 7.78
N VAL D 61 1.99 22.65 8.41
CA VAL D 61 1.00 21.58 8.28
C VAL D 61 0.54 21.48 6.82
N ILE D 62 0.29 22.62 6.18
CA ILE D 62 -0.17 22.60 4.79
C ILE D 62 0.87 21.96 3.89
N THR D 63 2.13 22.37 4.04
CA THR D 63 3.19 21.81 3.20
C THR D 63 3.34 20.31 3.42
N VAL D 64 3.40 19.88 4.67
CA VAL D 64 3.60 18.41 4.91
C VAL D 64 2.41 17.65 4.31
N LEU D 65 1.17 18.08 4.61
CA LEU D 65 0.02 17.32 4.15
C LEU D 65 -0.08 17.31 2.62
N ILE D 66 0.32 18.40 1.96
CA ILE D 66 0.22 18.44 0.51
C ILE D 66 1.37 17.68 -0.13
N ARG D 67 2.48 17.51 0.58
CA ARG D 67 3.63 16.82 -0.01
C ARG D 67 3.53 15.32 0.21
N ASN D 68 3.37 14.84 1.44
CA ASN D 68 3.41 13.36 1.64
C ASN D 68 2.08 12.70 1.29
N LYS D 69 1.95 12.16 0.07
CA LYS D 69 0.70 11.49 -0.36
C LYS D 69 0.33 10.38 0.64
N ARG D 70 1.33 9.67 1.16
CA ARG D 70 1.07 8.62 2.17
C ARG D 70 0.21 9.21 3.29
N MET D 71 0.56 10.40 3.77
CA MET D 71 -0.22 11.07 4.85
C MET D 71 -1.46 11.72 4.23
N ARG D 72 -2.28 10.95 3.52
CA ARG D 72 -3.53 11.50 2.92
C ARG D 72 -4.70 10.59 3.28
N THR D 73 -5.23 10.73 4.49
CA THR D 73 -6.37 9.91 4.95
C THR D 73 -7.59 10.79 5.18
N VAL D 74 -8.74 10.18 5.43
CA VAL D 74 -9.99 10.89 5.66
C VAL D 74 -9.80 12.01 6.68
N THR D 75 -9.17 11.69 7.80
CA THR D 75 -8.96 12.70 8.84
C THR D 75 -7.95 13.74 8.39
N ASN D 76 -6.99 13.32 7.56
CA ASN D 76 -5.92 14.25 7.08
C ASN D 76 -6.48 15.27 6.08
N ILE D 77 -7.53 14.92 5.33
CA ILE D 77 -8.20 15.90 4.47
C ILE D 77 -8.82 17.00 5.32
N PHE D 78 -9.52 16.61 6.38
CA PHE D 78 -10.10 17.62 7.28
C PHE D 78 -9.01 18.42 7.99
N LEU D 79 -7.88 17.79 8.32
CA LEU D 79 -6.78 18.54 8.92
C LEU D 79 -6.24 19.59 7.96
N LEU D 80 -6.10 19.26 6.67
CA LEU D 80 -5.66 20.24 5.68
C LEU D 80 -6.68 21.36 5.55
N SER D 81 -7.97 21.01 5.54
CA SER D 81 -9.02 22.03 5.50
C SER D 81 -8.90 22.97 6.70
N LEU D 82 -8.71 22.40 7.89
CA LEU D 82 -8.62 23.21 9.10
C LEU D 82 -7.38 24.10 9.06
N ALA D 83 -6.26 23.60 8.54
CA ALA D 83 -5.07 24.42 8.42
C ALA D 83 -5.29 25.60 7.48
N VAL D 84 -5.91 25.34 6.32
CA VAL D 84 -6.19 26.41 5.37
C VAL D 84 -7.12 27.45 5.99
N SER D 85 -8.17 26.97 6.67
CA SER D 85 -9.13 27.88 7.29
C SER D 85 -8.49 28.67 8.43
N ASP D 86 -7.59 28.06 9.20
CA ASP D 86 -6.91 28.78 10.26
C ASP D 86 -5.98 29.84 9.70
N LEU D 87 -5.28 29.54 8.61
CA LEU D 87 -4.45 30.55 7.96
C LEU D 87 -5.31 31.71 7.46
N MET D 88 -6.45 31.39 6.85
CA MET D 88 -7.39 32.42 6.40
C MET D 88 -7.86 33.28 7.57
N LEU D 89 -8.25 32.63 8.67
CA LEU D 89 -8.72 33.35 9.85
C LEU D 89 -7.64 34.27 10.39
N CYS D 90 -6.42 33.75 10.55
CA CYS D 90 -5.33 34.57 11.06
C CYS D 90 -5.12 35.81 10.19
N LEU D 91 -4.95 35.59 8.88
CA LEU D 91 -4.60 36.68 7.98
C LEU D 91 -5.72 37.72 7.89
N PHE D 92 -6.98 37.27 7.81
CA PHE D 92 -8.05 38.21 7.58
C PHE D 92 -8.70 38.73 8.86
N CYS D 93 -8.30 38.23 10.03
CA CYS D 93 -8.82 38.74 11.28
C CYS D 93 -7.78 39.59 12.02
N MET D 94 -6.63 38.99 12.35
CA MET D 94 -5.76 39.58 13.37
C MET D 94 -5.17 40.93 12.96
N PRO D 95 -4.54 41.08 11.79
CA PRO D 95 -3.96 42.40 11.47
C PRO D 95 -5.00 43.50 11.30
N PHE D 96 -6.21 43.15 10.87
CA PHE D 96 -7.24 44.16 10.66
C PHE D 96 -8.02 44.48 11.93
N ASN D 97 -7.74 43.81 13.03
CA ASN D 97 -8.57 44.00 14.26
C ASN D 97 -7.78 44.74 15.34
N LEU D 98 -6.45 44.81 15.21
CA LEU D 98 -5.59 45.53 16.18
C LEU D 98 -5.52 47.01 15.76
N ILE D 99 -5.50 47.28 14.45
CA ILE D 99 -5.32 48.67 13.97
C ILE D 99 -6.48 49.55 14.44
N PRO D 100 -7.75 49.27 14.08
CA PRO D 100 -8.86 50.15 14.44
C PRO D 100 -8.93 50.36 15.96
N ASN D 101 -8.18 49.57 16.73
CA ASN D 101 -8.16 49.70 18.22
C ASN D 101 -6.98 50.57 18.64
N LEU D 102 -5.82 50.37 18.01
CA LEU D 102 -4.63 51.22 18.32
C LEU D 102 -4.87 52.63 17.79
N LEU D 103 -5.40 52.77 16.57
CA LEU D 103 -5.56 54.10 15.95
C LEU D 103 -7.01 54.58 16.14
N LYS D 104 -7.84 53.77 16.81
CA LYS D 104 -9.24 54.18 17.09
C LYS D 104 -9.91 54.65 15.80
N ASP D 105 -9.24 54.53 14.66
CA ASP D 105 -9.87 54.86 13.35
C ASP D 105 -9.82 53.71 12.35
N PHE D 106 -10.89 53.51 11.57
CA PHE D 106 -10.77 52.54 10.47
C PHE D 106 -10.14 53.28 9.28
N ILE D 107 -8.93 52.91 8.87
CA ILE D 107 -8.20 53.64 7.84
C ILE D 107 -8.48 53.08 6.44
N PHE D 108 -8.84 51.81 6.34
CA PHE D 108 -9.02 51.18 5.04
C PHE D 108 -10.36 51.60 4.43
N GLY D 109 -10.57 51.20 3.18
CA GLY D 109 -11.77 51.57 2.45
C GLY D 109 -12.94 50.65 2.71
N SER D 110 -14.07 51.00 2.09
CA SER D 110 -15.28 50.21 2.24
C SER D 110 -15.11 48.82 1.65
N ALA D 111 -14.41 48.72 0.52
CA ALA D 111 -14.15 47.41 -0.07
C ALA D 111 -13.34 46.53 0.87
N VAL D 112 -12.30 47.09 1.50
CA VAL D 112 -11.51 46.32 2.45
C VAL D 112 -12.34 45.93 3.66
N CYS D 113 -13.14 46.86 4.20
CA CYS D 113 -14.03 46.54 5.30
C CYS D 113 -14.93 45.36 4.96
N LYS D 114 -15.61 45.43 3.82
CA LYS D 114 -16.55 44.38 3.43
C LYS D 114 -15.83 43.05 3.21
N THR D 115 -14.72 43.07 2.49
CA THR D 115 -14.00 41.83 2.18
C THR D 115 -13.46 41.18 3.44
N THR D 116 -12.86 41.97 4.33
CA THR D 116 -12.31 41.43 5.56
C THR D 116 -13.41 40.86 6.44
N THR D 117 -14.54 41.56 6.54
CA THR D 117 -15.63 41.05 7.37
C THR D 117 -16.17 39.72 6.82
N TYR D 118 -16.37 39.65 5.50
CA TYR D 118 -16.83 38.43 4.87
C TYR D 118 -15.84 37.29 5.13
N PHE D 119 -14.55 37.56 4.98
CA PHE D 119 -13.55 36.51 5.14
C PHE D 119 -13.45 36.06 6.59
N MET D 120 -13.56 36.99 7.55
CA MET D 120 -13.53 36.60 8.95
C MET D 120 -14.68 35.67 9.29
N GLY D 121 -15.90 36.06 8.88
CA GLY D 121 -17.05 35.21 9.12
C GLY D 121 -16.91 33.85 8.46
N THR D 122 -16.46 33.83 7.21
CA THR D 122 -16.30 32.58 6.48
C THR D 122 -15.28 31.68 7.16
N SER D 123 -14.14 32.23 7.56
CA SER D 123 -13.10 31.43 8.20
C SER D 123 -13.57 30.87 9.53
N VAL D 124 -14.27 31.69 10.33
CA VAL D 124 -14.78 31.20 11.61
C VAL D 124 -15.75 30.03 11.38
N SER D 125 -16.68 30.20 10.43
CA SER D 125 -17.65 29.14 10.17
C SER D 125 -16.96 27.86 9.69
N VAL D 126 -16.00 28.01 8.77
CA VAL D 126 -15.32 26.84 8.21
C VAL D 126 -14.53 26.12 9.30
N SER D 127 -13.83 26.88 10.15
CA SER D 127 -13.08 26.25 11.23
C SER D 127 -13.98 25.49 12.18
N THR D 128 -15.09 26.11 12.60
CA THR D 128 -15.99 25.44 13.54
C THR D 128 -16.58 24.18 12.93
N PHE D 129 -17.01 24.26 11.66
CA PHE D 129 -17.64 23.10 11.04
C PHE D 129 -16.63 22.01 10.73
N ASN D 130 -15.38 22.36 10.44
CA ASN D 130 -14.34 21.36 10.28
C ASN D 130 -14.06 20.66 11.59
N LEU D 131 -14.05 21.40 12.70
CA LEU D 131 -13.87 20.76 14.01
C LEU D 131 -15.00 19.79 14.31
N VAL D 132 -16.24 20.19 14.03
CA VAL D 132 -17.38 19.30 14.25
C VAL D 132 -17.27 18.07 13.37
N ALA D 133 -16.85 18.26 12.11
CA ALA D 133 -16.70 17.15 11.18
C ALA D 133 -15.64 16.16 11.67
N ILE D 134 -14.50 16.68 12.14
CA ILE D 134 -13.45 15.82 12.67
C ILE D 134 -13.95 15.04 13.86
N SER D 135 -14.66 15.71 14.78
CA SER D 135 -15.19 15.02 15.94
C SER D 135 -16.15 13.91 15.54
N LEU D 136 -17.05 14.18 14.59
CA LEU D 136 -18.00 13.16 14.15
C LEU D 136 -17.33 12.00 13.42
N GLU D 137 -16.34 12.28 12.56
CA GLU D 137 -15.62 11.20 11.88
C GLU D 137 -14.91 10.31 12.88
N ARG D 138 -14.23 10.92 13.86
CA ARG D 138 -13.57 10.15 14.90
C ARG D 138 -14.57 9.32 15.69
N ALA D 139 -15.69 9.94 16.07
CA ALA D 139 -16.69 9.23 16.85
C ALA D 139 -17.23 8.02 16.11
N GLY D 140 -17.54 8.18 14.82
CA GLY D 140 -17.97 7.05 14.03
C GLY D 140 -16.91 5.97 13.90
N ALA D 141 -15.67 6.36 13.60
CA ALA D 141 -14.61 5.39 13.38
C ALA D 141 -14.29 4.60 14.64
N ILE D 142 -14.53 5.20 15.82
CA ILE D 142 -14.18 4.53 17.06
C ILE D 142 -15.39 3.82 17.66
N CYS D 143 -16.60 4.20 17.23
CA CYS D 143 -17.78 3.61 17.84
C CYS D 143 -18.35 2.48 17.01
N LYS D 144 -18.33 2.62 15.68
CA LYS D 144 -18.81 1.59 14.76
C LYS D 144 -17.73 1.36 13.72
N PRO D 145 -16.62 0.70 14.11
CA PRO D 145 -15.49 0.57 13.17
C PRO D 145 -15.83 -0.21 11.91
N LEU D 146 -16.70 -1.22 12.00
CA LEU D 146 -17.04 -2.02 10.83
C LEU D 146 -18.21 -1.41 10.06
N GLN D 147 -19.18 -0.85 10.77
CA GLN D 147 -20.33 -0.24 10.11
C GLN D 147 -19.93 1.02 9.35
N SER D 148 -18.96 1.78 9.88
CA SER D 148 -18.53 3.01 9.24
C SER D 148 -17.64 2.77 8.02
N ARG D 149 -17.24 1.51 7.77
CA ARG D 149 -16.46 1.21 6.58
C ARG D 149 -17.23 1.51 5.31
N VAL D 150 -18.56 1.47 5.37
CA VAL D 150 -19.38 1.70 4.20
C VAL D 150 -19.19 3.12 3.68
N TRP D 151 -19.18 4.10 4.58
CA TRP D 151 -19.26 5.50 4.18
C TRP D 151 -18.05 6.35 4.51
N GLN D 152 -17.11 5.88 5.34
CA GLN D 152 -15.92 6.69 5.60
C GLN D 152 -14.91 6.48 4.48
N THR D 153 -15.04 7.31 3.44
CA THR D 153 -14.16 7.25 2.28
C THR D 153 -13.66 8.65 1.94
N LYS D 154 -12.62 8.69 1.10
CA LYS D 154 -12.07 9.97 0.67
C LYS D 154 -13.08 10.78 -0.13
N SER D 155 -13.89 10.11 -0.96
CA SER D 155 -14.91 10.81 -1.71
C SER D 155 -15.95 11.43 -0.78
N HIS D 156 -16.34 10.70 0.26
CA HIS D 156 -17.28 11.25 1.24
C HIS D 156 -16.66 12.44 1.97
N ALA D 157 -15.36 12.33 2.29
CA ALA D 157 -14.67 13.46 2.93
C ALA D 157 -14.66 14.68 2.03
N LEU D 158 -14.44 14.47 0.72
CA LEU D 158 -14.47 15.58 -0.22
C LEU D 158 -15.87 16.19 -0.33
N LYS D 159 -16.91 15.35 -0.32
CA LYS D 159 -18.27 15.88 -0.31
C LYS D 159 -18.48 16.75 0.92
N VAL D 160 -18.02 16.29 2.08
CA VAL D 160 -18.21 17.03 3.32
C VAL D 160 -17.48 18.36 3.28
N ILE D 161 -16.22 18.37 2.82
CA ILE D 161 -15.44 19.60 2.77
C ILE D 161 -16.09 20.61 1.83
N ALA D 162 -16.53 20.13 0.66
CA ALA D 162 -17.16 21.03 -0.30
C ALA D 162 -18.46 21.60 0.25
N ALA D 163 -19.29 20.75 0.88
CA ALA D 163 -20.54 21.24 1.46
C ALA D 163 -20.28 22.25 2.55
N THR D 164 -19.28 22.00 3.40
CA THR D 164 -18.96 22.94 4.48
C THR D 164 -18.54 24.29 3.91
N TRP D 165 -17.61 24.29 2.95
CA TRP D 165 -17.13 25.55 2.39
C TRP D 165 -18.26 26.32 1.71
N CYS D 166 -19.07 25.63 0.89
CA CYS D 166 -20.16 26.31 0.20
C CYS D 166 -21.20 26.84 1.18
N LEU D 167 -21.53 26.07 2.22
CA LEU D 167 -22.51 26.52 3.21
C LEU D 167 -21.99 27.75 3.95
N SER D 168 -20.72 27.76 4.30
CA SER D 168 -20.15 28.93 4.97
C SER D 168 -20.22 30.17 4.08
N PHE D 169 -19.79 30.02 2.82
CA PHE D 169 -19.80 31.14 1.89
C PHE D 169 -21.23 31.65 1.67
N THR D 170 -22.20 30.75 1.67
CA THR D 170 -23.59 31.16 1.46
C THR D 170 -24.15 31.87 2.68
N ILE D 171 -23.89 31.34 3.89
CA ILE D 171 -24.50 31.90 5.09
C ILE D 171 -23.88 33.25 5.44
N MET D 172 -22.59 33.44 5.14
CA MET D 172 -21.96 34.69 5.56
C MET D 172 -22.21 35.85 4.60
N THR D 173 -23.24 35.76 3.75
CA THR D 173 -23.58 36.76 2.74
C THR D 173 -23.87 38.15 3.28
N PRO D 174 -24.63 38.32 4.37
CA PRO D 174 -25.01 39.69 4.78
C PRO D 174 -23.83 40.57 5.17
N TYR D 175 -22.69 40.00 5.54
CA TYR D 175 -21.58 40.83 6.04
C TYR D 175 -21.03 41.79 4.99
N PRO D 176 -20.69 41.37 3.77
CA PRO D 176 -20.25 42.35 2.77
C PRO D 176 -21.35 43.31 2.34
N ILE D 177 -22.61 42.99 2.62
CA ILE D 177 -23.72 43.89 2.30
C ILE D 177 -23.76 45.04 3.30
N TYR D 178 -23.87 44.70 4.59
CA TYR D 178 -24.13 45.72 5.60
C TYR D 178 -22.87 46.22 6.31
N SER D 179 -21.68 45.87 5.82
CA SER D 179 -20.46 46.41 6.41
C SER D 179 -20.07 47.71 5.72
N ASN D 180 -20.07 48.81 6.47
CA ASN D 180 -19.74 50.11 5.90
C ASN D 180 -19.19 51.00 7.00
N LEU D 181 -18.39 51.98 6.59
CA LEU D 181 -17.76 52.89 7.55
C LEU D 181 -18.78 53.90 8.08
N VAL D 182 -18.80 54.07 9.39
CA VAL D 182 -19.62 55.08 10.05
C VAL D 182 -18.69 56.19 10.53
N PRO D 183 -18.82 57.40 10.02
CA PRO D 183 -17.85 58.45 10.34
C PRO D 183 -18.20 59.21 11.62
N PHE D 184 -17.12 59.66 12.28
CA PHE D 184 -17.23 60.49 13.51
C PHE D 184 -16.01 61.43 13.57
N THR D 185 -16.08 62.55 14.31
CA THR D 185 -14.99 63.51 14.44
C THR D 185 -14.36 63.37 15.83
N LYS D 186 -13.03 63.44 15.86
CA LYS D 186 -12.30 63.35 17.12
C LYS D 186 -12.04 64.76 17.68
N ASN D 187 -11.41 64.79 18.85
CA ASN D 187 -11.14 66.06 19.52
C ASN D 187 -10.20 66.96 18.73
N ASN D 188 -9.33 66.38 17.91
CA ASN D 188 -8.40 67.16 17.09
C ASN D 188 -8.99 67.54 15.74
N ASN D 189 -10.31 67.51 15.58
CA ASN D 189 -11.00 67.82 14.34
C ASN D 189 -10.57 66.93 13.18
N GLN D 190 -10.10 65.73 13.48
CA GLN D 190 -9.66 64.80 12.46
C GLN D 190 -10.78 63.85 12.07
N THR D 191 -10.74 63.35 10.83
CA THR D 191 -11.74 62.40 10.38
C THR D 191 -11.46 61.02 10.95
N ALA D 192 -12.53 60.24 11.11
CA ALA D 192 -12.43 58.90 11.67
C ALA D 192 -13.64 58.08 11.25
N ASN D 193 -13.54 56.75 11.36
CA ASN D 193 -14.61 55.84 10.91
C ASN D 193 -14.85 54.65 11.85
N MET D 194 -15.89 53.88 11.62
CA MET D 194 -16.10 52.63 12.39
C MET D 194 -16.70 51.54 11.50
N CYS D 195 -15.87 50.85 10.72
CA CYS D 195 -16.38 49.67 9.99
C CYS D 195 -17.34 49.04 10.97
N ARG D 196 -18.55 48.76 10.54
CA ARG D 196 -19.56 48.25 11.48
C ARG D 196 -20.55 47.47 10.65
N PHE D 197 -21.33 46.64 11.29
CA PHE D 197 -22.30 45.78 10.64
C PHE D 197 -23.63 45.92 11.36
N LEU D 198 -24.58 46.63 10.74
CA LEU D 198 -25.86 46.94 11.37
C LEU D 198 -26.98 46.62 10.39
N LEU D 199 -27.86 45.70 10.78
CA LEU D 199 -29.07 45.44 10.00
C LEU D 199 -30.05 46.60 10.16
N PRO D 200 -31.02 46.73 9.24
CA PRO D 200 -31.92 47.89 9.27
C PRO D 200 -32.65 48.11 10.58
N ASN D 201 -32.91 47.05 11.34
CA ASN D 201 -33.60 47.22 12.61
C ASN D 201 -32.92 46.37 13.68
N ASP D 202 -33.00 46.86 14.92
CA ASP D 202 -32.34 46.20 16.03
C ASP D 202 -32.92 44.82 16.32
N VAL D 203 -34.21 44.63 16.02
CA VAL D 203 -34.82 43.32 16.24
C VAL D 203 -34.18 42.26 15.35
N MET D 204 -34.02 42.56 14.06
CA MET D 204 -33.37 41.61 13.17
C MET D 204 -31.86 41.54 13.42
N GLN D 205 -31.27 42.62 13.95
CA GLN D 205 -29.90 42.52 14.44
C GLN D 205 -29.77 41.48 15.54
N GLN D 206 -30.68 41.53 16.52
CA GLN D 206 -30.67 40.56 17.61
C GLN D 206 -30.93 39.16 17.08
N SER D 207 -31.84 39.03 16.10
CA SER D 207 -32.10 37.72 15.51
C SER D 207 -30.85 37.16 14.84
N TRP D 208 -30.13 38.00 14.09
CA TRP D 208 -28.89 37.56 13.44
C TRP D 208 -27.86 37.12 14.48
N HIS D 209 -27.70 37.90 15.55
CA HIS D 209 -26.70 37.55 16.55
C HIS D 209 -27.09 36.29 17.33
N THR D 210 -28.39 36.09 17.59
CA THR D 210 -28.84 34.86 18.23
C THR D 210 -28.61 33.66 17.32
N PHE D 211 -28.87 33.83 16.01
CA PHE D 211 -28.63 32.76 15.06
C PHE D 211 -27.16 32.37 15.03
N LEU D 212 -26.27 33.36 15.04
CA LEU D 212 -24.84 33.06 15.11
C LEU D 212 -24.48 32.38 16.42
N LEU D 213 -24.96 32.91 17.55
CA LEU D 213 -24.63 32.30 18.84
C LEU D 213 -25.10 30.86 18.91
N LEU D 214 -26.19 30.53 18.22
CA LEU D 214 -26.62 29.15 18.15
C LEU D 214 -25.65 28.36 17.27
N ILE D 215 -25.59 28.69 15.98
CA ILE D 215 -24.99 27.79 15.01
C ILE D 215 -23.47 27.75 15.06
N LEU D 216 -22.80 28.78 15.56
CA LEU D 216 -21.34 28.78 15.59
C LEU D 216 -20.78 28.46 16.97
N PHE D 217 -21.60 28.53 18.02
CA PHE D 217 -21.08 28.24 19.35
C PHE D 217 -21.79 27.07 20.03
N LEU D 218 -23.12 27.10 20.10
CA LEU D 218 -23.82 26.23 21.04
C LEU D 218 -23.99 24.82 20.48
N ILE D 219 -24.62 24.70 19.32
CA ILE D 219 -24.83 23.40 18.69
C ILE D 219 -23.49 22.71 18.42
N PRO D 220 -22.49 23.38 17.82
CA PRO D 220 -21.18 22.71 17.66
C PRO D 220 -20.56 22.28 18.98
N GLY D 221 -20.71 23.08 20.03
CA GLY D 221 -20.18 22.72 21.33
C GLY D 221 -20.80 21.46 21.89
N ILE D 222 -22.13 21.37 21.85
CA ILE D 222 -22.81 20.18 22.34
C ILE D 222 -22.45 18.97 21.51
N VAL D 223 -22.39 19.12 20.19
CA VAL D 223 -22.04 17.99 19.32
C VAL D 223 -20.63 17.49 19.64
N MET D 224 -19.68 18.41 19.77
CA MET D 224 -18.31 18.01 20.05
C MET D 224 -18.18 17.37 21.43
N MET D 225 -18.85 17.92 22.43
CA MET D 225 -18.83 17.33 23.76
C MET D 225 -19.38 15.91 23.74
N VAL D 226 -20.54 15.72 23.08
CA VAL D 226 -21.14 14.40 23.04
C VAL D 226 -20.24 13.42 22.29
N ALA D 227 -19.70 13.83 21.16
CA ALA D 227 -18.86 12.96 20.34
C ALA D 227 -17.62 12.53 21.11
N TYR D 228 -16.90 13.48 21.70
CA TYR D 228 -15.68 13.13 22.41
C TYR D 228 -15.96 12.41 23.72
N GLY D 229 -17.11 12.66 24.35
CA GLY D 229 -17.49 11.88 25.51
C GLY D 229 -17.76 10.43 25.17
N LEU D 230 -18.45 10.19 24.05
CA LEU D 230 -18.66 8.83 23.60
C LEU D 230 -17.34 8.16 23.24
N ILE D 231 -16.45 8.87 22.55
CA ILE D 231 -15.14 8.31 22.23
C ILE D 231 -14.36 7.94 23.48
N SER D 232 -14.30 8.84 24.47
CA SER D 232 -13.61 8.57 25.72
C SER D 232 -14.24 7.41 26.49
N LEU D 233 -15.57 7.35 26.54
CA LEU D 233 -16.23 6.24 27.23
C LEU D 233 -15.90 4.91 26.57
N GLU D 234 -16.00 4.84 25.23
CA GLU D 234 -15.71 3.60 24.53
C GLU D 234 -14.26 3.19 24.68
N LEU D 235 -13.35 4.17 24.64
CA LEU D 235 -11.92 3.85 24.70
C LEU D 235 -11.51 3.45 26.12
N TYR D 236 -12.10 4.08 27.13
CA TYR D 236 -11.81 3.72 28.52
C TYR D 236 -12.39 2.36 28.86
N GLN D 237 -13.64 2.12 28.50
CA GLN D 237 -14.29 0.84 28.78
C GLN D 237 -14.97 0.29 27.55
N LEU D 304 -2.71 1.19 29.42
CA LEU D 304 -3.81 2.04 29.85
C LEU D 304 -3.32 3.47 30.07
N MET D 305 -2.02 3.62 30.32
CA MET D 305 -1.45 4.95 30.52
C MET D 305 -1.56 5.81 29.27
N ALA D 306 -1.55 5.20 28.09
CA ALA D 306 -1.74 5.95 26.86
C ALA D 306 -3.19 6.37 26.68
N LYS D 307 -4.12 5.49 27.06
CA LYS D 307 -5.54 5.80 26.93
C LYS D 307 -5.93 6.99 27.80
N LYS D 308 -5.39 7.07 29.02
CA LYS D 308 -5.64 8.23 29.85
C LYS D 308 -5.09 9.50 29.22
N ARG D 309 -3.91 9.42 28.60
CA ARG D 309 -3.34 10.58 27.92
C ARG D 309 -4.24 11.06 26.79
N VAL D 310 -4.74 10.13 25.97
CA VAL D 310 -5.55 10.55 24.82
C VAL D 310 -6.91 11.04 25.29
N ILE D 311 -7.44 10.47 26.37
CA ILE D 311 -8.71 10.98 26.92
C ILE D 311 -8.52 12.39 27.45
N ARG D 312 -7.40 12.66 28.13
CA ARG D 312 -7.16 14.02 28.58
C ARG D 312 -6.93 14.96 27.41
N MET D 313 -6.38 14.45 26.31
CA MET D 313 -6.28 15.27 25.10
C MET D 313 -7.65 15.63 24.53
N LEU D 314 -8.56 14.66 24.49
CA LEU D 314 -9.94 14.96 24.10
C LEU D 314 -10.61 15.95 25.03
N ILE D 315 -10.29 15.90 26.32
CA ILE D 315 -10.82 16.91 27.25
C ILE D 315 -10.23 18.28 26.94
N VAL D 316 -8.93 18.33 26.67
CA VAL D 316 -8.25 19.58 26.36
C VAL D 316 -8.85 20.23 25.12
N ILE D 317 -9.20 19.41 24.12
CA ILE D 317 -9.77 19.97 22.88
C ILE D 317 -11.05 20.75 23.19
N VAL D 318 -11.96 20.13 23.94
CA VAL D 318 -13.23 20.79 24.26
C VAL D 318 -13.01 22.00 25.16
N VAL D 319 -12.12 21.86 26.14
CA VAL D 319 -11.85 22.98 27.06
C VAL D 319 -11.31 24.17 26.28
N LEU D 320 -10.35 23.93 25.39
CA LEU D 320 -9.78 25.00 24.58
C LEU D 320 -10.82 25.63 23.67
N PHE D 321 -11.67 24.83 23.04
CA PHE D 321 -12.71 25.37 22.19
C PHE D 321 -13.63 26.31 22.97
N PHE D 322 -14.12 25.84 24.12
CA PHE D 322 -15.06 26.64 24.89
C PHE D 322 -14.40 27.91 25.42
N LEU D 323 -13.19 27.81 25.97
CA LEU D 323 -12.52 28.99 26.48
C LEU D 323 -12.19 29.98 25.36
N CYS D 324 -11.91 29.50 24.15
CA CYS D 324 -11.57 30.41 23.07
C CYS D 324 -12.81 31.10 22.49
N TRP D 325 -13.95 30.42 22.47
CA TRP D 325 -15.07 30.97 21.73
C TRP D 325 -16.23 31.48 22.58
N MET D 326 -16.29 31.16 23.86
CA MET D 326 -17.35 31.71 24.70
C MET D 326 -17.30 33.23 24.83
N PRO D 327 -16.16 33.88 25.15
CA PRO D 327 -16.18 35.32 25.43
C PRO D 327 -16.69 36.19 24.29
N ILE D 328 -16.23 35.93 23.06
CA ILE D 328 -16.58 36.81 21.95
C ILE D 328 -18.06 36.70 21.61
N PHE D 329 -18.60 35.48 21.60
CA PHE D 329 -20.02 35.32 21.31
C PHE D 329 -20.87 35.89 22.43
N SER D 330 -20.44 35.72 23.68
CA SER D 330 -21.16 36.35 24.79
C SER D 330 -21.16 37.86 24.66
N ALA D 331 -20.02 38.45 24.28
CA ALA D 331 -19.95 39.90 24.12
C ALA D 331 -20.84 40.38 22.98
N ASN D 332 -20.87 39.65 21.86
CA ASN D 332 -21.73 40.04 20.75
C ASN D 332 -23.20 39.96 21.13
N ALA D 333 -23.60 38.90 21.86
CA ALA D 333 -24.97 38.81 22.33
C ALA D 333 -25.30 39.93 23.31
N TRP D 334 -24.35 40.27 24.19
CA TRP D 334 -24.55 41.35 25.14
C TRP D 334 -24.76 42.67 24.41
N ARG D 335 -23.98 42.92 23.37
CA ARG D 335 -24.19 44.13 22.56
C ARG D 335 -25.53 44.10 21.87
N ALA D 336 -25.92 42.95 21.29
CA ALA D 336 -27.20 42.86 20.61
C ALA D 336 -28.35 43.18 21.56
N TYR D 337 -28.27 42.71 22.81
CA TYR D 337 -29.34 42.97 23.76
C TYR D 337 -29.32 44.40 24.32
N ASP D 338 -28.16 44.95 24.66
CA ASP D 338 -28.07 46.36 25.05
C ASP D 338 -26.69 46.89 24.65
N THR D 339 -26.62 47.45 23.44
CA THR D 339 -25.36 47.92 22.88
C THR D 339 -24.65 48.94 23.77
N ALA D 340 -25.41 49.82 24.44
CA ALA D 340 -24.77 50.93 25.14
C ALA D 340 -23.85 50.45 26.26
N SER D 341 -24.37 49.60 27.16
CA SER D 341 -23.58 49.15 28.29
C SER D 341 -22.39 48.31 27.83
N ALA D 342 -22.62 47.41 26.87
CA ALA D 342 -21.54 46.56 26.38
C ALA D 342 -20.44 47.37 25.73
N GLU D 343 -20.80 48.36 24.90
CA GLU D 343 -19.80 49.19 24.24
C GLU D 343 -19.04 50.03 25.26
N ARG D 344 -19.74 50.55 26.28
CA ARG D 344 -19.04 51.33 27.30
C ARG D 344 -18.06 50.47 28.07
N ARG D 345 -18.47 49.25 28.44
CA ARG D 345 -17.61 48.41 29.28
C ARG D 345 -16.42 47.84 28.50
N LEU D 346 -16.67 47.31 27.30
CA LEU D 346 -15.68 46.50 26.60
C LEU D 346 -14.93 47.22 25.50
N SER D 347 -15.09 48.53 25.38
CA SER D 347 -14.42 49.21 24.25
C SER D 347 -12.93 49.34 24.57
N GLY D 348 -12.07 49.12 23.57
CA GLY D 348 -10.63 49.24 23.73
C GLY D 348 -9.97 47.91 24.00
N THR D 349 -9.10 47.88 25.01
CA THR D 349 -8.33 46.69 25.31
C THR D 349 -9.16 45.45 25.66
N PRO D 350 -10.26 45.53 26.42
CA PRO D 350 -10.98 44.28 26.76
C PRO D 350 -11.46 43.51 25.54
N ILE D 351 -12.06 44.18 24.56
CA ILE D 351 -12.56 43.48 23.38
C ILE D 351 -11.39 43.00 22.51
N SER D 352 -10.30 43.76 22.53
CA SER D 352 -9.10 43.35 21.76
C SER D 352 -8.58 42.04 22.32
N PHE D 353 -8.50 41.94 23.65
CA PHE D 353 -7.99 40.73 24.28
C PHE D 353 -8.95 39.57 24.14
N ILE D 354 -10.27 39.84 24.16
CA ILE D 354 -11.25 38.80 23.89
C ILE D 354 -11.09 38.26 22.48
N LEU D 355 -10.87 39.17 21.51
CA LEU D 355 -10.65 38.74 20.14
C LEU D 355 -9.37 37.92 20.01
N LEU D 356 -8.32 38.30 20.74
CA LEU D 356 -7.10 37.49 20.75
C LEU D 356 -7.34 36.10 21.33
N LEU D 357 -8.11 36.03 22.41
CA LEU D 357 -8.45 34.73 22.98
C LEU D 357 -9.20 33.88 21.98
N SER D 358 -10.07 34.51 21.18
CA SER D 358 -10.76 33.79 20.11
C SER D 358 -9.78 33.33 19.03
N TYR D 359 -8.85 34.20 18.64
CA TYR D 359 -7.90 33.87 17.57
C TYR D 359 -6.96 32.77 17.99
N THR D 360 -6.76 32.58 19.30
CA THR D 360 -5.82 31.58 19.79
C THR D 360 -6.25 30.17 19.38
N SER D 361 -7.51 29.98 19.01
CA SER D 361 -7.96 28.66 18.57
C SER D 361 -7.23 28.22 17.31
N SER D 362 -7.06 29.14 16.36
CA SER D 362 -6.30 28.86 15.15
C SER D 362 -4.83 28.61 15.44
N CYS D 363 -4.30 29.16 16.53
CA CYS D 363 -2.94 28.92 16.97
C CYS D 363 -2.79 27.53 17.58
N VAL D 364 -3.79 27.09 18.34
CA VAL D 364 -3.65 25.82 19.04
C VAL D 364 -4.03 24.64 18.17
N ASN D 365 -4.98 24.80 17.25
CA ASN D 365 -5.49 23.63 16.51
C ASN D 365 -4.41 22.83 15.79
N PRO D 366 -3.48 23.45 15.05
CA PRO D 366 -2.39 22.63 14.47
C PRO D 366 -1.57 21.92 15.53
N ILE D 367 -1.35 22.55 16.69
CA ILE D 367 -0.49 21.95 17.71
C ILE D 367 -1.10 20.64 18.22
N ILE D 368 -2.37 20.68 18.62
CA ILE D 368 -3.01 19.48 19.14
C ILE D 368 -3.25 18.45 18.04
N TYR D 369 -3.71 18.89 16.86
CA TYR D 369 -4.11 17.92 15.85
C TYR D 369 -2.94 17.28 15.11
N CYS D 370 -1.83 17.98 14.92
CA CYS D 370 -0.73 17.45 14.11
C CYS D 370 0.55 17.32 14.91
N PHE D 371 1.01 18.37 15.60
CA PHE D 371 2.38 18.37 16.11
C PHE D 371 2.58 17.43 17.30
N MET D 372 1.49 16.92 17.88
CA MET D 372 1.62 15.89 18.90
C MET D 372 1.48 14.49 18.35
N ASN D 373 1.50 14.32 17.02
CA ASN D 373 1.40 13.02 16.40
C ASN D 373 2.78 12.57 15.96
N LYS D 374 3.15 11.34 16.33
CA LYS D 374 4.46 10.81 15.96
C LYS D 374 4.61 10.70 14.45
N ARG D 375 3.56 10.15 13.83
CA ARG D 375 3.58 9.98 12.36
C ARG D 375 3.83 11.34 11.73
N PHE D 376 3.15 12.37 12.23
CA PHE D 376 3.29 13.71 11.61
C PHE D 376 4.74 14.19 11.82
N ARG D 377 5.22 14.14 13.06
CA ARG D 377 6.58 14.57 13.35
C ARG D 377 7.58 13.88 12.42
N LEU D 378 7.39 12.58 12.18
CA LEU D 378 8.26 11.87 11.24
C LEU D 378 8.14 12.46 9.84
N GLY D 379 6.93 12.78 9.41
CA GLY D 379 6.75 13.39 8.11
C GLY D 379 7.42 14.75 8.00
N PHE D 380 7.31 15.56 9.06
CA PHE D 380 7.98 16.85 9.09
C PHE D 380 9.49 16.70 9.01
N MET D 381 10.04 15.74 9.76
CA MET D 381 11.48 15.51 9.74
C MET D 381 11.94 15.01 8.37
N ALA D 382 11.13 14.18 7.71
CA ALA D 382 11.50 13.69 6.39
C ALA D 382 11.37 14.78 5.33
N THR D 383 10.45 15.72 5.51
CA THR D 383 10.24 16.78 4.53
C THR D 383 11.26 17.90 4.65
N PHE D 384 11.45 18.45 5.86
CA PHE D 384 12.36 19.57 6.02
C PHE D 384 13.71 19.10 6.56
N PRO D 385 14.82 19.71 6.12
CA PRO D 385 16.16 19.38 6.60
C PRO D 385 16.45 19.95 7.98
N ALA E 18 -15.90 7.90 -29.57
CA ALA E 18 -16.62 6.64 -29.41
C ALA E 18 -15.78 5.63 -28.64
N ALA E 19 -14.46 5.70 -28.83
CA ALA E 19 -13.55 4.86 -28.05
C ALA E 19 -13.42 5.38 -26.62
N VAL E 20 -13.32 6.71 -26.46
CA VAL E 20 -13.20 7.29 -25.12
C VAL E 20 -14.46 7.06 -24.32
N GLU E 21 -15.62 7.08 -24.98
CA GLU E 21 -16.87 6.76 -24.31
C GLU E 21 -16.87 5.32 -23.81
N ARG E 22 -16.36 4.40 -24.63
CA ARG E 22 -16.21 3.02 -24.21
C ARG E 22 -15.30 2.91 -23.00
N SER E 23 -14.19 3.63 -23.01
CA SER E 23 -13.25 3.62 -21.88
C SER E 23 -13.92 4.14 -20.63
N LYS E 24 -14.71 5.21 -20.75
CA LYS E 24 -15.37 5.78 -19.58
C LYS E 24 -16.44 4.85 -19.03
N MET E 25 -17.17 4.16 -19.90
CA MET E 25 -18.13 3.16 -19.44
C MET E 25 -17.42 2.02 -18.71
N ILE E 26 -16.28 1.57 -19.24
CA ILE E 26 -15.50 0.53 -18.57
C ILE E 26 -15.04 1.00 -17.21
N ASP E 27 -14.57 2.25 -17.13
CA ASP E 27 -14.09 2.79 -15.87
C ASP E 27 -15.23 2.90 -14.84
N ARG E 28 -16.43 3.29 -15.30
CA ARG E 28 -17.58 3.31 -14.41
C ARG E 28 -17.90 1.91 -13.90
N ASN E 29 -17.80 0.91 -14.77
CA ASN E 29 -18.05 -0.47 -14.34
C ASN E 29 -17.03 -0.92 -13.31
N LEU E 30 -15.74 -0.61 -13.52
CA LEU E 30 -14.72 -0.96 -12.54
C LEU E 30 -14.91 -0.24 -11.22
N ARG E 31 -15.32 1.04 -11.24
CA ARG E 31 -15.60 1.75 -10.01
C ARG E 31 -16.75 1.12 -9.26
N GLU E 32 -17.83 0.76 -9.96
CA GLU E 32 -18.96 0.09 -9.32
C GLU E 32 -18.57 -1.28 -8.79
N ASP E 33 -17.64 -1.97 -9.44
CA ASP E 33 -17.14 -3.25 -8.94
C ASP E 33 -16.32 -3.10 -7.67
N GLY E 34 -15.42 -2.10 -7.65
CA GLY E 34 -14.64 -1.84 -6.44
C GLY E 34 -15.51 -1.42 -5.27
N GLU E 35 -16.58 -0.68 -5.55
CA GLU E 35 -17.51 -0.30 -4.50
C GLU E 35 -18.07 -1.51 -3.78
N LYS E 36 -18.48 -2.54 -4.53
CA LYS E 36 -18.99 -3.77 -3.92
C LYS E 36 -17.88 -4.62 -3.31
N ALA E 37 -16.68 -4.58 -3.89
CA ALA E 37 -15.58 -5.38 -3.34
C ALA E 37 -15.12 -4.85 -1.99
N ARG E 38 -15.20 -3.53 -1.80
CA ARG E 38 -14.69 -2.92 -0.56
C ARG E 38 -15.46 -3.36 0.67
N ARG E 39 -16.67 -3.90 0.49
CA ARG E 39 -17.58 -4.14 1.61
C ARG E 39 -17.37 -5.47 2.31
N THR E 40 -16.42 -6.29 1.86
CA THR E 40 -16.18 -7.60 2.45
C THR E 40 -14.84 -7.61 3.18
N LEU E 41 -14.77 -8.37 4.27
CA LEU E 41 -13.53 -8.57 5.00
C LEU E 41 -12.95 -9.93 4.63
N ARG E 42 -11.69 -9.95 4.22
CA ARG E 42 -11.05 -11.15 3.73
C ARG E 42 -10.17 -11.78 4.81
N LEU E 43 -10.27 -13.10 4.95
CA LEU E 43 -9.60 -13.84 6.00
C LEU E 43 -8.81 -14.99 5.40
N LEU E 44 -7.61 -15.22 5.92
CA LEU E 44 -6.75 -16.31 5.46
C LEU E 44 -6.76 -17.44 6.48
N LEU E 45 -7.15 -18.63 6.04
CA LEU E 45 -7.19 -19.80 6.92
C LEU E 45 -5.89 -20.59 6.81
N LEU E 46 -5.22 -20.77 7.94
CA LEU E 46 -3.98 -21.53 8.00
C LEU E 46 -4.09 -22.60 9.07
N GLY E 47 -3.32 -23.65 8.92
CA GLY E 47 -3.33 -24.79 9.81
C GLY E 47 -2.80 -26.02 9.11
N ALA E 48 -2.43 -27.02 9.90
CA ALA E 48 -1.89 -28.26 9.36
C ALA E 48 -2.98 -29.33 9.30
N ASP E 49 -2.59 -30.54 8.94
CA ASP E 49 -3.52 -31.65 8.90
C ASP E 49 -4.00 -32.01 10.30
N ASN E 50 -5.24 -32.49 10.38
CA ASN E 50 -5.92 -32.84 11.62
C ASN E 50 -6.09 -31.63 12.55
N SER E 51 -5.99 -30.41 12.02
CA SER E 51 -6.29 -29.23 12.82
C SER E 51 -7.78 -29.01 12.96
N GLY E 52 -8.57 -29.33 11.94
CA GLY E 52 -9.99 -29.03 11.96
C GLY E 52 -10.36 -27.69 11.39
N LYS E 53 -9.64 -27.23 10.36
CA LYS E 53 -9.90 -25.91 9.79
C LYS E 53 -11.31 -25.81 9.22
N SER E 54 -11.72 -26.80 8.44
CA SER E 54 -13.01 -26.74 7.74
C SER E 54 -14.19 -26.74 8.71
N THR E 55 -14.00 -27.18 9.95
CA THR E 55 -15.07 -27.29 10.91
C THR E 55 -15.23 -26.01 11.74
N ILE E 56 -14.31 -25.05 11.60
CA ILE E 56 -14.32 -23.86 12.45
C ILE E 56 -15.62 -23.08 12.26
N VAL E 57 -16.01 -22.81 11.02
CA VAL E 57 -17.21 -22.05 10.71
C VAL E 57 -18.24 -22.99 10.14
N LYS E 58 -19.48 -22.89 10.65
CA LYS E 58 -20.57 -23.76 10.25
C LYS E 58 -21.08 -23.49 8.84
N GLN E 59 -20.67 -22.38 8.22
CA GLN E 59 -21.12 -22.04 6.88
C GLN E 59 -20.00 -22.24 5.87
N ILE E 76 -7.13 -23.19 -4.48
CA ILE E 76 -7.44 -22.03 -3.65
C ILE E 76 -8.91 -22.02 -3.26
N PHE E 77 -9.27 -22.90 -2.33
CA PHE E 77 -10.63 -22.99 -1.84
C PHE E 77 -11.01 -21.70 -1.11
N GLU E 78 -12.32 -21.47 -1.01
CA GLU E 78 -12.83 -20.28 -0.33
C GLU E 78 -14.23 -20.54 0.18
N THR E 79 -14.66 -19.74 1.15
CA THR E 79 -15.99 -19.85 1.73
C THR E 79 -16.41 -18.46 2.23
N LYS E 80 -17.72 -18.30 2.39
CA LYS E 80 -18.31 -17.03 2.80
C LYS E 80 -19.32 -17.25 3.91
N PHE E 81 -19.45 -16.23 4.77
CA PHE E 81 -20.45 -16.24 5.83
C PHE E 81 -20.73 -14.81 6.25
N GLN E 82 -21.80 -14.64 7.02
CA GLN E 82 -22.33 -13.32 7.36
C GLN E 82 -22.64 -13.23 8.84
N VAL E 83 -22.15 -12.17 9.48
CA VAL E 83 -22.43 -11.90 10.88
C VAL E 83 -22.77 -10.42 11.02
N ASP E 84 -24.00 -10.15 11.47
CA ASP E 84 -24.46 -8.78 11.76
C ASP E 84 -24.26 -7.84 10.58
N LYS E 85 -24.74 -8.26 9.41
CA LYS E 85 -24.69 -7.47 8.18
C LYS E 85 -23.26 -7.13 7.76
N VAL E 86 -22.28 -7.91 8.20
CA VAL E 86 -20.90 -7.77 7.76
C VAL E 86 -20.51 -9.05 7.03
N ASN E 87 -19.92 -8.89 5.84
CA ASN E 87 -19.60 -10.01 4.98
C ASN E 87 -18.14 -10.42 5.16
N PHE E 88 -17.92 -11.70 5.41
CA PHE E 88 -16.59 -12.26 5.58
C PHE E 88 -16.35 -13.30 4.50
N HIS E 89 -15.14 -13.31 3.95
CA HIS E 89 -14.78 -14.20 2.85
C HIS E 89 -13.45 -14.85 3.19
N MET E 90 -13.50 -16.15 3.50
CA MET E 90 -12.37 -16.89 4.04
C MET E 90 -11.67 -17.66 2.93
N PHE E 91 -10.34 -17.68 2.96
CA PHE E 91 -9.53 -18.36 1.95
C PHE E 91 -8.56 -19.33 2.60
N ASP E 92 -8.43 -20.52 2.00
CA ASP E 92 -7.40 -21.47 2.41
C ASP E 92 -6.82 -22.18 1.20
N VAL E 93 -5.52 -22.01 0.99
CA VAL E 93 -4.84 -22.60 -0.15
C VAL E 93 -4.63 -24.09 0.11
N GLY E 94 -5.05 -24.92 -0.84
CA GLY E 94 -4.90 -26.35 -0.73
C GLY E 94 -3.51 -26.84 -1.10
N ARG E 100 4.51 -22.91 1.38
CA ARG E 100 3.62 -21.88 1.91
C ARG E 100 4.31 -20.52 1.91
N ARG E 101 5.64 -20.54 1.88
CA ARG E 101 6.43 -19.32 2.01
C ARG E 101 6.15 -18.34 0.88
N LYS E 102 6.15 -18.82 -0.36
CA LYS E 102 6.13 -17.90 -1.50
C LYS E 102 4.74 -17.31 -1.71
N TRP E 103 3.69 -18.12 -1.62
CA TRP E 103 2.37 -17.61 -1.96
C TRP E 103 1.69 -16.89 -0.80
N ILE E 104 2.35 -16.80 0.36
CA ILE E 104 1.75 -16.10 1.50
C ILE E 104 1.73 -14.60 1.23
N GLN E 105 2.52 -14.12 0.27
CA GLN E 105 2.58 -12.70 -0.02
C GLN E 105 1.26 -12.18 -0.57
N CYS E 106 0.46 -13.04 -1.19
CA CYS E 106 -0.80 -12.60 -1.77
C CYS E 106 -1.77 -12.14 -0.69
N PHE E 107 -1.63 -12.66 0.52
CA PHE E 107 -2.55 -12.38 1.62
C PHE E 107 -2.00 -11.39 2.62
N ASN E 108 -1.17 -10.44 2.19
CA ASN E 108 -0.57 -9.48 3.11
C ASN E 108 -1.52 -8.32 3.40
N ASP E 109 -2.72 -8.35 2.83
CA ASP E 109 -3.69 -7.28 3.03
C ASP E 109 -4.99 -7.78 3.62
N VAL E 110 -5.04 -9.02 4.11
CA VAL E 110 -6.27 -9.52 4.71
C VAL E 110 -6.49 -8.85 6.07
N THR E 111 -7.73 -8.91 6.54
CA THR E 111 -8.06 -8.33 7.84
C THR E 111 -7.35 -9.09 8.97
N ALA E 112 -7.47 -10.41 8.98
CA ALA E 112 -6.86 -11.24 10.01
C ALA E 112 -6.49 -12.59 9.42
N ILE E 113 -5.55 -13.25 10.07
CA ILE E 113 -5.18 -14.63 9.74
C ILE E 113 -5.76 -15.53 10.83
N ILE E 114 -6.47 -16.57 10.42
CA ILE E 114 -7.05 -17.53 11.36
C ILE E 114 -6.18 -18.78 11.37
N PHE E 115 -5.53 -19.03 12.51
CA PHE E 115 -4.56 -20.10 12.66
C PHE E 115 -5.14 -21.15 13.61
N VAL E 116 -5.17 -22.40 13.17
CA VAL E 116 -5.78 -23.49 13.92
C VAL E 116 -4.69 -24.47 14.34
N VAL E 117 -4.78 -24.94 15.58
CA VAL E 117 -3.81 -25.88 16.13
C VAL E 117 -4.57 -27.02 16.79
N ASP E 118 -4.06 -28.24 16.61
CA ASP E 118 -4.62 -29.42 17.26
C ASP E 118 -4.01 -29.56 18.65
N SER E 119 -4.84 -29.41 19.69
CA SER E 119 -4.37 -29.51 21.06
C SER E 119 -4.62 -30.89 21.67
N SER E 120 -5.18 -31.82 20.93
CA SER E 120 -5.47 -33.15 21.48
C SER E 120 -4.19 -33.91 21.79
N ASP E 121 -3.19 -33.82 20.92
CA ASP E 121 -1.96 -34.59 21.09
C ASP E 121 -0.78 -33.64 21.17
N TYR E 122 0.31 -34.14 21.76
CA TYR E 122 1.45 -33.29 22.10
C TYR E 122 2.67 -33.53 21.22
N ASN E 123 2.68 -34.59 20.42
CA ASN E 123 3.81 -34.84 19.52
C ASN E 123 3.94 -33.73 18.49
N ARG E 124 2.81 -33.29 17.94
CA ARG E 124 2.82 -32.29 16.87
C ARG E 124 2.82 -30.87 17.39
N LEU E 125 2.71 -30.68 18.71
CA LEU E 125 2.61 -29.33 19.26
C LEU E 125 3.87 -28.51 19.02
N GLN E 126 5.05 -29.15 19.05
CA GLN E 126 6.28 -28.41 18.73
C GLN E 126 6.29 -27.95 17.28
N GLU E 127 5.83 -28.81 16.35
CA GLU E 127 5.72 -28.40 14.96
C GLU E 127 4.72 -27.26 14.81
N ALA E 128 3.61 -27.32 15.54
CA ALA E 128 2.62 -26.25 15.48
C ALA E 128 3.20 -24.95 16.01
N LEU E 129 3.97 -25.01 17.10
CA LEU E 129 4.60 -23.81 17.64
C LEU E 129 5.62 -23.22 16.67
N ASN E 130 6.43 -24.08 16.04
CA ASN E 130 7.39 -23.58 15.06
C ASN E 130 6.69 -22.95 13.86
N ASP E 131 5.59 -23.57 13.41
CA ASP E 131 4.82 -23.01 12.29
C ASP E 131 4.21 -21.67 12.67
N PHE E 132 3.68 -21.57 13.91
CA PHE E 132 3.12 -20.32 14.39
C PHE E 132 4.18 -19.24 14.47
N LYS E 133 5.38 -19.58 14.94
CA LYS E 133 6.47 -18.62 14.99
C LYS E 133 6.86 -18.16 13.59
N SER E 134 6.92 -19.09 12.64
CA SER E 134 7.26 -18.73 11.26
C SER E 134 6.23 -17.78 10.68
N ILE E 135 4.94 -18.03 10.95
CA ILE E 135 3.89 -17.14 10.44
C ILE E 135 3.96 -15.78 11.12
N TRP E 136 4.14 -15.78 12.45
CA TRP E 136 4.13 -14.53 13.20
C TRP E 136 5.30 -13.64 12.82
N ASN E 137 6.47 -14.23 12.60
CA ASN E 137 7.66 -13.46 12.25
C ASN E 137 7.83 -13.29 10.74
N ASN E 138 6.78 -13.53 9.96
CA ASN E 138 6.88 -13.41 8.52
C ASN E 138 7.11 -11.95 8.11
N ARG E 139 7.92 -11.76 7.07
CA ARG E 139 8.26 -10.42 6.62
C ARG E 139 7.06 -9.69 6.03
N TRP E 140 6.16 -10.42 5.37
CA TRP E 140 5.00 -9.82 4.74
C TRP E 140 3.75 -9.83 5.61
N LEU E 141 3.83 -10.40 6.82
CA LEU E 141 2.70 -10.46 7.73
C LEU E 141 2.94 -9.65 9.01
N ARG E 142 3.82 -8.66 8.96
CA ARG E 142 4.25 -7.93 10.16
C ARG E 142 3.13 -7.08 10.77
N THR E 143 2.11 -6.71 9.99
CA THR E 143 1.05 -5.86 10.49
C THR E 143 -0.31 -6.54 10.49
N ILE E 144 -0.35 -7.87 10.39
CA ILE E 144 -1.61 -8.62 10.33
C ILE E 144 -1.77 -9.38 11.64
N SER E 145 -2.88 -9.15 12.32
CA SER E 145 -3.18 -9.86 13.55
C SER E 145 -3.57 -11.30 13.23
N VAL E 146 -3.35 -12.19 14.20
CA VAL E 146 -3.62 -13.61 14.05
C VAL E 146 -4.66 -14.00 15.09
N ILE E 147 -5.74 -14.62 14.63
CA ILE E 147 -6.74 -15.20 15.53
C ILE E 147 -6.39 -16.67 15.73
N LEU E 148 -6.02 -17.03 16.95
CA LEU E 148 -5.50 -18.36 17.26
C LEU E 148 -6.62 -19.22 17.81
N PHE E 149 -6.84 -20.37 17.19
CA PHE E 149 -7.82 -21.34 17.65
C PHE E 149 -7.10 -22.60 18.09
N LEU E 150 -7.37 -23.04 19.32
CA LEU E 150 -6.82 -24.27 19.86
C LEU E 150 -7.95 -25.27 19.98
N ASN E 151 -8.07 -26.12 18.96
CA ASN E 151 -9.26 -26.94 18.78
C ASN E 151 -9.13 -28.27 19.52
N LYS E 152 -10.24 -29.00 19.56
CA LYS E 152 -10.35 -30.29 20.26
C LYS E 152 -9.93 -30.16 21.72
N GLN E 153 -10.40 -29.08 22.36
CA GLN E 153 -10.19 -28.91 23.79
C GLN E 153 -10.89 -30.00 24.60
N ASP E 154 -11.99 -30.56 24.07
CA ASP E 154 -12.60 -31.71 24.74
C ASP E 154 -11.67 -32.92 24.73
N LEU E 155 -11.00 -33.17 23.59
CA LEU E 155 -10.02 -34.25 23.53
C LEU E 155 -8.83 -33.98 24.44
N LEU E 156 -8.38 -32.72 24.50
CA LEU E 156 -7.30 -32.39 25.43
C LEU E 156 -7.71 -32.63 26.88
N ALA E 157 -8.94 -32.24 27.23
CA ALA E 157 -9.43 -32.47 28.59
C ALA E 157 -9.51 -33.96 28.89
N GLU E 158 -10.00 -34.74 27.94
CA GLU E 158 -10.08 -36.19 28.14
C GLU E 158 -8.70 -36.79 28.34
N LYS E 159 -7.72 -36.39 27.51
CA LYS E 159 -6.37 -36.91 27.65
C LYS E 159 -5.76 -36.53 28.99
N VAL E 160 -5.95 -35.28 29.42
CA VAL E 160 -5.36 -34.83 30.67
C VAL E 160 -6.01 -35.52 31.87
N LEU E 161 -7.33 -35.61 31.90
CA LEU E 161 -8.02 -36.16 33.05
C LEU E 161 -7.90 -37.68 33.12
N ALA E 162 -7.83 -38.36 31.98
CA ALA E 162 -7.72 -39.81 31.97
C ALA E 162 -6.28 -40.26 32.21
N SER E 165 -2.05 -36.21 30.62
CA SER E 165 -1.13 -36.60 31.69
C SER E 165 0.29 -36.77 31.15
N LYS E 166 0.40 -36.99 29.84
CA LYS E 166 1.70 -37.17 29.21
C LYS E 166 2.31 -35.86 28.75
N ILE E 167 1.64 -34.72 28.98
CA ILE E 167 2.13 -33.44 28.47
C ILE E 167 3.47 -33.09 29.08
N GLU E 168 3.69 -33.48 30.34
CA GLU E 168 5.00 -33.27 30.97
C GLU E 168 6.10 -34.08 30.30
N ASP E 169 5.76 -35.24 29.74
CA ASP E 169 6.76 -36.06 29.04
C ASP E 169 7.23 -35.42 27.73
N TYR E 170 6.50 -34.44 27.21
CA TYR E 170 6.92 -33.71 26.02
C TYR E 170 7.44 -32.31 26.33
N PHE E 171 6.94 -31.69 27.40
CA PHE E 171 7.40 -30.36 27.83
C PHE E 171 7.84 -30.47 29.29
N PRO E 172 9.13 -30.68 29.54
CA PRO E 172 9.59 -30.76 30.93
C PRO E 172 9.31 -29.52 31.75
N GLU E 173 9.28 -28.34 31.13
CA GLU E 173 8.99 -27.10 31.84
C GLU E 173 7.54 -27.00 32.31
N PHE E 174 6.67 -27.91 31.87
CA PHE E 174 5.29 -27.93 32.39
C PHE E 174 5.24 -28.30 33.86
N ALA E 175 6.29 -28.92 34.40
CA ALA E 175 6.32 -29.33 35.79
C ALA E 175 6.16 -28.12 36.71
N ARG E 176 5.29 -28.27 37.71
CA ARG E 176 5.05 -27.23 38.72
C ARG E 176 4.49 -25.95 38.11
N TYR E 177 3.76 -26.08 36.99
CA TYR E 177 3.08 -24.91 36.43
C TYR E 177 1.84 -24.59 37.25
N THR E 178 1.54 -23.29 37.34
CA THR E 178 0.39 -22.84 38.11
C THR E 178 -0.19 -21.59 37.48
N THR E 179 -1.51 -21.57 37.35
CA THR E 179 -2.29 -20.44 36.82
C THR E 179 -1.84 -20.05 35.41
N GLU E 189 -13.94 -25.90 35.77
CA GLU E 189 -13.60 -27.23 35.30
C GLU E 189 -12.51 -27.85 36.16
N ASP E 190 -11.89 -28.92 35.64
CA ASP E 190 -10.86 -29.60 36.39
C ASP E 190 -9.61 -28.71 36.50
N PRO E 191 -9.02 -28.60 37.70
CA PRO E 191 -7.83 -27.75 37.84
C PRO E 191 -6.65 -28.20 36.99
N ARG E 192 -6.43 -29.50 36.82
CA ARG E 192 -5.31 -29.95 35.99
C ARG E 192 -5.56 -29.66 34.52
N VAL E 193 -6.81 -29.83 34.06
CA VAL E 193 -7.15 -29.49 32.68
C VAL E 193 -6.98 -27.99 32.44
N THR E 194 -7.41 -27.18 33.42
CA THR E 194 -7.20 -25.74 33.31
C THR E 194 -5.72 -25.40 33.26
N ARG E 195 -4.91 -26.08 34.08
CA ARG E 195 -3.46 -25.85 34.07
C ARG E 195 -2.86 -26.18 32.71
N ALA E 196 -3.26 -27.31 32.13
CA ALA E 196 -2.74 -27.70 30.83
C ALA E 196 -3.16 -26.72 29.74
N LYS E 197 -4.44 -26.32 29.75
CA LYS E 197 -4.94 -25.37 28.76
C LYS E 197 -4.17 -24.06 28.85
N TYR E 198 -4.00 -23.53 30.07
CA TYR E 198 -3.29 -22.29 30.25
C TYR E 198 -1.82 -22.42 29.89
N PHE E 199 -1.22 -23.59 30.13
CA PHE E 199 0.17 -23.80 29.75
C PHE E 199 0.34 -23.74 28.23
N ILE E 200 -0.55 -24.41 27.49
CA ILE E 200 -0.45 -24.40 26.04
C ILE E 200 -0.71 -22.99 25.49
N ARG E 201 -1.74 -22.34 26.03
CA ARG E 201 -2.07 -20.99 25.60
C ARG E 201 -0.90 -20.04 25.88
N LYS E 202 -0.26 -20.19 27.03
CA LYS E 202 0.91 -19.39 27.35
C LYS E 202 2.06 -19.68 26.41
N GLU E 203 2.24 -20.95 26.04
CA GLU E 203 3.29 -21.29 25.09
C GLU E 203 3.10 -20.56 23.77
N PHE E 204 1.85 -20.43 23.31
CA PHE E 204 1.60 -19.68 22.08
C PHE E 204 1.74 -18.16 22.31
N VAL E 205 1.21 -17.66 23.42
CA VAL E 205 1.18 -16.22 23.66
C VAL E 205 2.58 -15.67 23.92
N ASP E 206 3.48 -16.47 24.49
CA ASP E 206 4.86 -16.01 24.66
C ASP E 206 5.53 -15.74 23.32
N ILE E 207 5.34 -16.62 22.35
CA ILE E 207 5.84 -16.35 21.00
C ILE E 207 5.15 -15.12 20.42
N SER E 208 3.83 -15.03 20.61
CA SER E 208 3.09 -13.91 20.06
C SER E 208 3.50 -12.57 20.65
N THR E 209 4.00 -12.54 21.89
CA THR E 209 4.38 -11.30 22.55
C THR E 209 5.88 -11.01 22.52
N ALA E 210 6.73 -12.00 22.22
CA ALA E 210 8.15 -11.74 22.12
C ALA E 210 8.48 -10.74 21.02
N SER E 211 7.58 -10.54 20.06
CA SER E 211 7.78 -9.57 19.00
C SER E 211 6.42 -9.07 18.53
N GLY E 212 6.45 -7.95 17.81
CA GLY E 212 5.24 -7.37 17.26
C GLY E 212 5.16 -5.87 17.45
N ASP E 213 5.70 -5.38 18.57
CA ASP E 213 5.76 -3.95 18.87
C ASP E 213 4.38 -3.29 18.84
N GLY E 214 3.32 -4.06 19.07
CA GLY E 214 1.99 -3.52 19.05
C GLY E 214 1.38 -3.33 17.68
N ARG E 215 2.11 -3.68 16.61
CA ARG E 215 1.56 -3.59 15.27
C ARG E 215 0.41 -4.58 15.08
N HIS E 216 0.57 -5.79 15.61
CA HIS E 216 -0.48 -6.80 15.54
C HIS E 216 -0.42 -7.63 16.80
N ILE E 217 -1.57 -8.18 17.19
CA ILE E 217 -1.67 -8.99 18.40
C ILE E 217 -2.39 -10.29 18.08
N CYS E 218 -2.19 -11.27 18.95
CA CYS E 218 -2.80 -12.59 18.82
C CYS E 218 -4.02 -12.67 19.71
N TYR E 219 -5.03 -13.42 19.26
CA TYR E 219 -6.28 -13.58 19.99
C TYR E 219 -6.54 -15.07 20.21
N PRO E 220 -5.97 -15.67 21.26
CA PRO E 220 -6.16 -17.12 21.46
C PRO E 220 -7.58 -17.46 21.89
N HIS E 221 -8.07 -18.60 21.40
CA HIS E 221 -9.40 -19.08 21.74
C HIS E 221 -9.36 -20.60 21.89
N PHE E 222 -10.15 -21.11 22.82
CA PHE E 222 -10.34 -22.55 22.97
C PHE E 222 -11.72 -22.94 22.45
N THR E 223 -11.74 -23.82 21.46
CA THR E 223 -12.97 -24.17 20.76
C THR E 223 -13.06 -25.68 20.59
N CYS E 224 -14.28 -26.15 20.32
CA CYS E 224 -14.56 -27.55 20.06
C CYS E 224 -15.37 -27.66 18.78
N ALA E 225 -15.62 -28.91 18.36
CA ALA E 225 -16.42 -29.14 17.16
C ALA E 225 -17.84 -28.64 17.33
N VAL E 226 -18.44 -28.84 18.51
CA VAL E 226 -19.82 -28.45 18.72
C VAL E 226 -19.95 -26.94 18.96
N ASP E 227 -18.85 -26.24 19.16
CA ASP E 227 -18.89 -24.80 19.43
C ASP E 227 -19.25 -24.06 18.14
N THR E 228 -20.40 -23.38 18.15
CA THR E 228 -20.85 -22.63 16.99
C THR E 228 -20.60 -21.13 17.10
N GLU E 229 -19.90 -20.69 18.14
CA GLU E 229 -19.67 -19.26 18.36
C GLU E 229 -18.41 -18.74 17.67
N ASN E 230 -17.74 -19.58 16.88
CA ASN E 230 -16.49 -19.15 16.25
C ASN E 230 -16.71 -17.98 15.30
N ALA E 231 -17.84 -17.95 14.58
CA ALA E 231 -18.12 -16.83 13.69
C ALA E 231 -18.25 -15.53 14.47
N ARG E 232 -18.96 -15.56 15.60
CA ARG E 232 -19.08 -14.37 16.43
C ARG E 232 -17.75 -13.95 17.02
N ARG E 233 -16.92 -14.93 17.42
CA ARG E 233 -15.60 -14.62 17.94
C ARG E 233 -14.74 -13.94 16.86
N ILE E 234 -14.80 -14.45 15.63
CA ILE E 234 -14.06 -13.84 14.53
C ILE E 234 -14.56 -12.42 14.28
N PHE E 235 -15.89 -12.23 14.35
CA PHE E 235 -16.46 -10.91 14.13
C PHE E 235 -15.99 -9.92 15.19
N ASN E 236 -16.02 -10.32 16.46
CA ASN E 236 -15.55 -9.44 17.53
C ASN E 236 -14.06 -9.16 17.40
N ASP E 237 -13.28 -10.17 17.03
CA ASP E 237 -11.84 -9.98 16.87
C ASP E 237 -11.53 -9.03 15.72
N CYS E 238 -12.27 -9.13 14.62
CA CYS E 238 -12.08 -8.21 13.51
C CYS E 238 -12.52 -6.80 13.88
N LYS E 239 -13.58 -6.70 14.69
CA LYS E 239 -13.96 -5.39 15.22
C LYS E 239 -12.83 -4.77 16.03
N ASP E 240 -12.19 -5.57 16.89
CA ASP E 240 -11.07 -5.08 17.68
C ASP E 240 -9.89 -4.68 16.78
N ILE E 241 -9.59 -5.49 15.77
CA ILE E 241 -8.48 -5.19 14.86
C ILE E 241 -8.74 -3.89 14.13
N ILE E 242 -9.96 -3.70 13.62
CA ILE E 242 -10.28 -2.48 12.90
C ILE E 242 -10.28 -1.28 13.83
N LEU E 243 -10.73 -1.45 15.08
CA LEU E 243 -10.69 -0.36 16.05
C LEU E 243 -9.26 0.05 16.36
N GLN E 244 -8.36 -0.92 16.53
CA GLN E 244 -6.96 -0.60 16.77
C GLN E 244 -6.33 0.08 15.56
N MET E 245 -6.73 -0.31 14.35
CA MET E 245 -6.25 0.37 13.15
C MET E 245 -6.77 1.81 13.11
N ASN E 246 -8.05 2.00 13.47
CA ASN E 246 -8.65 3.32 13.43
C ASN E 246 -7.98 4.26 14.43
N LEU E 247 -7.65 3.76 15.62
CA LEU E 247 -7.00 4.60 16.62
C LEU E 247 -5.70 5.19 16.09
N ARG E 248 -4.94 4.41 15.31
CA ARG E 248 -3.72 4.93 14.70
C ARG E 248 -4.03 5.83 13.52
N GLU E 249 -5.01 5.45 12.69
CA GLU E 249 -5.25 6.15 11.44
C GLU E 249 -5.93 7.50 11.63
N TYR E 250 -6.59 7.71 12.77
CA TYR E 250 -7.26 8.98 13.04
C TYR E 250 -6.50 9.85 14.03
N ASN E 251 -5.19 9.64 14.16
CA ASN E 251 -4.31 10.45 15.01
C ASN E 251 -4.74 10.49 16.46
N LEU E 252 -5.62 9.57 16.88
CA LEU E 252 -6.01 9.53 18.28
C LEU E 252 -4.91 8.92 19.14
N VAL E 253 -4.25 7.89 18.64
CA VAL E 253 -3.18 7.23 19.39
C VAL E 253 -1.87 7.28 18.61
#